data_6AGZ
#
_entry.id   6AGZ
#
_cell.length_a   46.450
_cell.length_b   108.710
_cell.length_c   89.930
_cell.angle_alpha   90.000
_cell.angle_beta   91.510
_cell.angle_gamma   90.000
#
_symmetry.space_group_name_H-M   'P 1 21 1'
#
loop_
_entity.id
_entity.type
_entity.pdbx_description
1 polymer 'Old Yellow Enzyme'
2 non-polymer 'FLAVIN MONONUCLEOTIDE'
3 water water
#
_entity_poly.entity_id   1
_entity_poly.type   'polypeptide(L)'
_entity_poly.pdbx_seq_one_letter_code
;MTNDYNTPLADTNLFKPIKVGKIELKNRLVFPPTTRFRNTSDFVATDSMLSYYSQRAENNGGLLITEATFGAPQFGLYQN
GPMIYTDRQVEAWKKIVEEVHKKGSHISMQLWNLGRAADPKLLKEHGLPFLAPSALYFSEESKKAAEEAGNEVQAMTLEQ
IEQTKKDYVNAAKNAIQKAGFDMVEVHSAHGYLLDQFIQTTANKRTDKYGGSIENRARLLLEVIDLVIEAVGADHVAVRL
SPYATFQGSGGVDAEVHPIAQFGYILSELERRAKEGKRLAYVSIVEPRVNGIADAPENSEDNSWMLQIWKGVVLRSGGYL
SEKGIAHLIKDVNADDRTLIGCSRYFTSNPDLPNRLRDGLPLTPYDRSRFYKIFSNDGYLTWGKYGEPEQPSDSAIALKT
PQPLA
;
_entity_poly.pdbx_strand_id   A,B
#
# COMPACT_ATOMS: atom_id res chain seq x y z
N PRO A 8 -5.28 10.91 -32.65
CA PRO A 8 -6.74 10.79 -32.59
C PRO A 8 -7.21 9.89 -31.45
N LEU A 9 -7.94 10.45 -30.48
CA LEU A 9 -8.33 9.72 -29.29
C LEU A 9 -9.83 9.48 -29.19
N ALA A 10 -10.60 9.83 -30.22
CA ALA A 10 -12.03 9.53 -30.21
C ALA A 10 -12.29 8.02 -30.21
N ASP A 11 -11.28 7.22 -30.58
CA ASP A 11 -11.43 5.76 -30.59
C ASP A 11 -11.48 5.16 -29.19
N THR A 12 -11.07 5.91 -28.17
CA THR A 12 -10.76 5.35 -26.86
C THR A 12 -11.86 5.68 -25.85
N ASN A 13 -11.67 5.17 -24.63
CA ASN A 13 -12.55 5.50 -23.52
C ASN A 13 -12.52 6.98 -23.16
N LEU A 14 -11.50 7.70 -23.62
CA LEU A 14 -11.39 9.12 -23.29
C LEU A 14 -12.60 9.91 -23.76
N PHE A 15 -13.25 9.45 -24.83
CA PHE A 15 -14.47 10.10 -25.32
C PHE A 15 -15.65 9.13 -25.28
N LYS A 16 -15.67 8.27 -24.28
CA LYS A 16 -16.81 7.42 -23.95
C LYS A 16 -17.52 8.00 -22.74
N PRO A 17 -18.83 8.21 -22.81
CA PRO A 17 -19.54 8.82 -21.69
C PRO A 17 -19.40 8.00 -20.41
N ILE A 18 -19.56 8.67 -19.28
CA ILE A 18 -19.38 8.01 -17.98
C ILE A 18 -20.23 8.73 -16.95
N LYS A 19 -20.83 7.97 -16.04
CA LYS A 19 -21.61 8.54 -14.95
C LYS A 19 -20.71 8.80 -13.75
N VAL A 20 -20.63 10.06 -13.34
CA VAL A 20 -19.87 10.46 -12.17
C VAL A 20 -20.81 11.20 -11.22
N GLY A 21 -20.79 10.82 -9.96
CA GLY A 21 -21.77 11.37 -9.04
C GLY A 21 -23.16 11.03 -9.51
N LYS A 22 -24.00 12.05 -9.65
CA LYS A 22 -25.32 11.89 -10.24
C LYS A 22 -25.42 12.50 -11.64
N ILE A 23 -24.29 12.91 -12.23
CA ILE A 23 -24.31 13.52 -13.54
C ILE A 23 -23.65 12.60 -14.56
N GLU A 24 -23.90 12.88 -15.83
CA GLU A 24 -23.42 12.08 -16.95
C GLU A 24 -22.45 12.92 -17.77
N LEU A 25 -21.15 12.62 -17.63
CA LEU A 25 -20.14 13.29 -18.44
C LEU A 25 -20.10 12.69 -19.84
N LYS A 26 -20.01 13.58 -20.83
CA LYS A 26 -19.94 13.15 -22.23
C LYS A 26 -18.58 12.55 -22.58
N ASN A 27 -17.53 12.91 -21.86
CA ASN A 27 -16.21 12.33 -22.07
C ASN A 27 -15.54 12.15 -20.71
N ARG A 28 -14.30 11.64 -20.75
CA ARG A 28 -13.53 11.39 -19.54
C ARG A 28 -12.25 12.23 -19.49
N LEU A 29 -12.21 13.30 -20.27
CA LEU A 29 -11.13 14.28 -20.22
C LEU A 29 -11.50 15.36 -19.21
N VAL A 30 -10.59 15.64 -18.27
CA VAL A 30 -10.84 16.53 -17.16
C VAL A 30 -9.84 17.67 -17.19
N PHE A 31 -10.32 18.87 -16.91
CA PHE A 31 -9.46 20.02 -16.63
C PHE A 31 -9.20 20.04 -15.12
N PRO A 32 -8.03 19.59 -14.68
CA PRO A 32 -7.75 19.52 -13.25
C PRO A 32 -7.67 20.92 -12.66
N PRO A 33 -7.74 21.06 -11.33
CA PRO A 33 -7.60 22.38 -10.71
C PRO A 33 -6.26 23.01 -11.09
N THR A 34 -6.32 24.24 -11.59
CA THR A 34 -5.12 24.93 -12.06
C THR A 34 -5.17 26.37 -11.56
N THR A 35 -4.31 26.69 -10.60
CA THR A 35 -4.26 28.03 -10.03
C THR A 35 -3.67 29.02 -11.03
N ARG A 36 -4.34 30.15 -11.22
CA ARG A 36 -3.90 31.16 -12.17
C ARG A 36 -3.83 32.57 -11.61
N PHE A 37 -4.48 32.86 -10.48
CA PHE A 37 -4.41 34.16 -9.82
C PHE A 37 -4.95 35.28 -10.72
N ARG A 38 -6.14 35.04 -11.29
CA ARG A 38 -6.84 36.05 -12.08
C ARG A 38 -8.10 36.55 -11.38
N ASN A 39 -8.18 36.39 -10.06
CA ASN A 39 -9.23 37.00 -9.27
C ASN A 39 -8.82 38.42 -8.89
N THR A 40 -9.78 39.18 -8.35
CA THR A 40 -9.46 40.50 -7.85
C THR A 40 -8.63 40.39 -6.58
N SER A 41 -8.09 41.54 -6.15
CA SER A 41 -7.44 41.58 -4.85
C SER A 41 -8.42 41.28 -3.72
N ASP A 42 -9.71 41.43 -3.98
CA ASP A 42 -10.77 41.03 -3.06
C ASP A 42 -11.10 39.55 -3.12
N PHE A 43 -10.37 38.78 -3.95
CA PHE A 43 -10.60 37.35 -4.14
C PHE A 43 -11.95 37.08 -4.79
N VAL A 44 -12.36 37.94 -5.72
CA VAL A 44 -13.62 37.81 -6.44
C VAL A 44 -13.31 37.37 -7.86
N ALA A 45 -14.09 36.41 -8.37
CA ALA A 45 -13.91 35.93 -9.72
C ALA A 45 -14.22 37.03 -10.73
N THR A 46 -13.52 37.00 -11.86
CA THR A 46 -13.56 38.08 -12.84
C THR A 46 -14.19 37.62 -14.15
N ASP A 47 -14.55 38.60 -14.98
CA ASP A 47 -15.07 38.32 -16.31
C ASP A 47 -14.05 37.54 -17.13
N SER A 48 -12.76 37.81 -16.92
CA SER A 48 -11.72 37.05 -17.59
C SER A 48 -11.81 35.58 -17.25
N MET A 49 -12.01 35.27 -15.96
CA MET A 49 -12.19 33.88 -15.55
C MET A 49 -13.45 33.28 -16.15
N LEU A 50 -14.50 34.09 -16.28
CA LEU A 50 -15.75 33.59 -16.85
C LEU A 50 -15.56 33.17 -18.30
N SER A 51 -14.91 34.01 -19.11
CA SER A 51 -14.60 33.62 -20.47
C SER A 51 -13.63 32.44 -20.49
N TYR A 52 -12.69 32.42 -19.54
CA TYR A 52 -11.68 31.37 -19.47
C TYR A 52 -12.32 30.00 -19.31
N TYR A 53 -13.23 29.86 -18.35
CA TYR A 53 -13.93 28.58 -18.18
C TYR A 53 -14.99 28.36 -19.24
N SER A 54 -15.55 29.45 -19.81
CA SER A 54 -16.57 29.31 -20.83
C SER A 54 -16.01 28.66 -22.09
N GLN A 55 -14.83 29.10 -22.54
CA GLN A 55 -14.23 28.52 -23.73
C GLN A 55 -13.91 27.05 -23.54
N ARG A 56 -13.57 26.65 -22.32
CA ARG A 56 -13.24 25.26 -22.03
C ARG A 56 -14.45 24.41 -21.72
N ALA A 57 -15.60 25.03 -21.46
CA ALA A 57 -16.85 24.30 -21.36
C ALA A 57 -17.55 24.17 -22.71
N GLU A 58 -17.15 24.96 -23.70
CA GLU A 58 -17.74 24.88 -25.03
C GLU A 58 -17.24 23.64 -25.76
N ASN A 59 -18.17 22.94 -26.42
CA ASN A 59 -17.85 21.75 -27.23
C ASN A 59 -17.12 20.69 -26.40
N ASN A 60 -17.48 20.57 -25.12
CA ASN A 60 -16.77 19.64 -24.24
C ASN A 60 -17.67 18.53 -23.70
N GLY A 61 -18.73 18.88 -22.97
CA GLY A 61 -19.54 17.88 -22.31
C GLY A 61 -18.90 17.22 -21.09
N GLY A 62 -17.60 17.43 -20.86
CA GLY A 62 -16.89 16.79 -19.78
C GLY A 62 -16.90 17.59 -18.49
N LEU A 63 -15.94 17.28 -17.62
CA LEU A 63 -15.84 17.90 -16.30
C LEU A 63 -14.70 18.90 -16.27
N LEU A 64 -14.97 20.08 -15.73
CA LEU A 64 -13.94 21.05 -15.39
C LEU A 64 -13.81 21.10 -13.87
N ILE A 65 -12.61 21.37 -13.39
CA ILE A 65 -12.36 21.57 -11.96
C ILE A 65 -11.74 22.94 -11.79
N THR A 66 -12.32 23.74 -10.89
CA THR A 66 -11.85 25.10 -10.70
C THR A 66 -10.45 25.11 -10.09
N GLU A 67 -9.76 26.23 -10.30
CA GLU A 67 -8.58 26.55 -9.51
C GLU A 67 -8.87 26.38 -8.03
N ALA A 68 -7.85 25.97 -7.28
CA ALA A 68 -8.02 25.77 -5.85
C ALA A 68 -8.52 27.05 -5.18
N THR A 69 -9.64 26.93 -4.47
CA THR A 69 -10.38 28.07 -3.97
C THR A 69 -10.42 28.07 -2.46
N PHE A 70 -10.05 29.20 -1.85
CA PHE A 70 -10.08 29.32 -0.40
C PHE A 70 -11.51 29.18 0.12
N GLY A 71 -11.69 28.34 1.14
CA GLY A 71 -13.00 28.22 1.75
C GLY A 71 -13.34 29.36 2.68
N ALA A 72 -12.34 30.01 3.24
CA ALA A 72 -12.53 31.12 4.16
C ALA A 72 -11.25 31.94 4.17
N PRO A 73 -11.29 33.17 4.71
CA PRO A 73 -10.04 33.96 4.81
C PRO A 73 -8.90 33.23 5.50
N GLN A 74 -9.20 32.47 6.56
CA GLN A 74 -8.15 31.71 7.26
C GLN A 74 -7.59 30.59 6.39
N PHE A 75 -8.33 30.15 5.37
CA PHE A 75 -7.84 29.11 4.48
C PHE A 75 -6.74 29.61 3.55
N GLY A 76 -6.55 30.92 3.42
CA GLY A 76 -5.55 31.47 2.53
C GLY A 76 -4.24 31.82 3.23
N LEU A 77 -3.51 32.79 2.70
CA LEU A 77 -3.92 33.53 1.51
C LEU A 77 -2.78 33.69 0.50
N TYR A 78 -3.14 33.80 -0.78
CA TYR A 78 -2.27 34.28 -1.83
C TYR A 78 -2.96 35.46 -2.51
N GLN A 79 -2.18 36.43 -2.95
CA GLN A 79 -2.77 37.61 -3.58
C GLN A 79 -3.49 37.22 -4.86
N ASN A 80 -4.72 37.72 -5.02
CA ASN A 80 -5.55 37.47 -6.19
C ASN A 80 -5.94 36.00 -6.33
N GLY A 81 -5.96 35.27 -5.22
CA GLY A 81 -6.51 33.93 -5.20
C GLY A 81 -8.01 33.94 -5.16
N PRO A 82 -8.61 32.76 -5.30
CA PRO A 82 -10.07 32.65 -5.30
C PRO A 82 -10.63 32.36 -3.91
N MET A 83 -11.91 32.67 -3.74
CA MET A 83 -12.60 32.43 -2.48
C MET A 83 -14.09 32.26 -2.74
N ILE A 84 -14.73 31.44 -1.90
CA ILE A 84 -16.15 31.12 -2.03
C ILE A 84 -16.86 31.52 -0.74
N TYR A 85 -16.38 32.59 -0.10
CA TYR A 85 -16.79 32.93 1.27
C TYR A 85 -17.87 34.02 1.32
N THR A 86 -17.59 35.20 0.76
CA THR A 86 -18.54 36.29 0.87
C THR A 86 -19.68 36.13 -0.15
N ASP A 87 -20.71 36.96 0.02
CA ASP A 87 -21.85 36.92 -0.90
C ASP A 87 -21.41 37.24 -2.32
N ARG A 88 -20.58 38.27 -2.49
CA ARG A 88 -20.12 38.66 -3.83
C ARG A 88 -19.37 37.50 -4.50
N GLN A 89 -18.46 36.85 -3.76
CA GLN A 89 -17.70 35.75 -4.32
C GLN A 89 -18.62 34.61 -4.77
N VAL A 90 -19.64 34.29 -3.96
CA VAL A 90 -20.57 33.23 -4.30
C VAL A 90 -21.40 33.61 -5.52
N GLU A 91 -21.75 34.89 -5.64
CA GLU A 91 -22.46 35.35 -6.84
C GLU A 91 -21.61 35.15 -8.09
N ALA A 92 -20.36 35.61 -8.05
CA ALA A 92 -19.47 35.49 -9.20
C ALA A 92 -19.29 34.03 -9.60
N TRP A 93 -18.92 33.18 -8.64
CA TRP A 93 -18.76 31.75 -8.94
C TRP A 93 -20.05 31.15 -9.47
N LYS A 94 -21.19 31.59 -8.94
CA LYS A 94 -22.47 31.11 -9.44
C LYS A 94 -22.66 31.45 -10.91
N LYS A 95 -22.26 32.65 -11.32
CA LYS A 95 -22.37 33.03 -12.72
C LYS A 95 -21.43 32.19 -13.58
N ILE A 96 -20.21 31.93 -13.10
CA ILE A 96 -19.30 31.06 -13.84
C ILE A 96 -19.91 29.67 -14.02
N VAL A 97 -20.51 29.13 -12.96
CA VAL A 97 -21.13 27.81 -13.04
C VAL A 97 -22.27 27.82 -14.05
N GLU A 98 -23.11 28.86 -14.01
CA GLU A 98 -24.24 28.93 -14.92
C GLU A 98 -23.78 28.98 -16.37
N GLU A 99 -22.68 29.70 -16.64
CA GLU A 99 -22.17 29.73 -18.00
C GLU A 99 -21.58 28.37 -18.40
N VAL A 100 -20.86 27.72 -17.50
CA VAL A 100 -20.29 26.41 -17.81
C VAL A 100 -21.39 25.41 -18.13
N HIS A 101 -22.49 25.44 -17.37
CA HIS A 101 -23.59 24.52 -17.62
C HIS A 101 -24.35 24.88 -18.89
N LYS A 102 -24.49 26.18 -19.16
CA LYS A 102 -25.10 26.60 -20.43
C LYS A 102 -24.30 26.08 -21.61
N LYS A 103 -22.98 26.03 -21.47
CA LYS A 103 -22.11 25.48 -22.50
C LYS A 103 -22.30 23.98 -22.70
N GLY A 104 -22.94 23.30 -21.76
CA GLY A 104 -23.12 21.85 -21.84
C GLY A 104 -22.07 21.04 -21.11
N SER A 105 -21.24 21.66 -20.28
CA SER A 105 -20.24 20.96 -19.50
C SER A 105 -20.64 20.96 -18.03
N HIS A 106 -19.75 20.39 -17.21
CA HIS A 106 -19.98 20.28 -15.78
C HIS A 106 -18.71 20.71 -15.05
N ILE A 107 -18.86 21.13 -13.80
CA ILE A 107 -17.77 21.78 -13.09
C ILE A 107 -17.79 21.37 -11.61
N SER A 108 -16.60 21.11 -11.07
CA SER A 108 -16.38 20.88 -9.65
C SER A 108 -15.44 21.96 -9.12
N MET A 109 -15.66 22.36 -7.88
CA MET A 109 -14.80 23.34 -7.22
C MET A 109 -13.89 22.64 -6.23
N GLN A 110 -12.58 22.86 -6.37
CA GLN A 110 -11.61 22.37 -5.40
C GLN A 110 -11.45 23.39 -4.29
N LEU A 111 -11.51 22.93 -3.04
CA LEU A 111 -11.39 23.80 -1.88
C LEU A 111 -9.94 23.79 -1.38
N TRP A 112 -9.37 24.96 -1.18
CA TRP A 112 -7.97 25.12 -0.83
C TRP A 112 -7.83 25.53 0.64
N ASN A 113 -6.78 25.03 1.28
CA ASN A 113 -6.40 25.48 2.61
C ASN A 113 -4.88 25.42 2.68
N LEU A 114 -4.25 26.59 2.87
CA LEU A 114 -2.81 26.68 2.66
C LEU A 114 -2.01 26.15 3.83
N GLY A 115 -2.40 26.49 5.07
CA GLY A 115 -1.59 26.09 6.21
C GLY A 115 -0.27 26.84 6.22
N ARG A 116 0.80 26.11 6.50
CA ARG A 116 2.14 26.70 6.55
C ARG A 116 2.67 27.10 5.17
N ALA A 117 1.90 26.91 4.11
CA ALA A 117 2.29 27.28 2.76
C ALA A 117 1.83 28.69 2.39
N ALA A 118 1.12 29.37 3.27
CA ALA A 118 0.48 30.64 2.93
C ALA A 118 1.49 31.79 2.97
N ASP A 119 1.07 32.91 2.40
CA ASP A 119 1.78 34.17 2.49
C ASP A 119 1.55 34.73 3.90
N PRO A 120 2.56 34.76 4.76
CA PRO A 120 2.34 35.25 6.13
C PRO A 120 2.10 36.75 6.19
N LYS A 121 2.72 37.52 5.30
CA LYS A 121 2.52 38.96 5.29
C LYS A 121 1.08 39.31 4.91
N LEU A 122 0.55 38.67 3.87
CA LEU A 122 -0.83 38.93 3.46
C LEU A 122 -1.81 38.54 4.56
N LEU A 123 -1.62 37.34 5.15
CA LEU A 123 -2.44 36.92 6.28
C LEU A 123 -2.40 37.95 7.40
N LYS A 124 -1.21 38.43 7.73
CA LYS A 124 -1.06 39.45 8.77
C LYS A 124 -1.85 40.70 8.43
N GLU A 125 -1.71 41.18 7.18
CA GLU A 125 -2.45 42.36 6.75
C GLU A 125 -3.96 42.14 6.78
N HIS A 126 -4.42 40.89 6.70
CA HIS A 126 -5.83 40.58 6.92
C HIS A 126 -6.11 40.16 8.36
N GLY A 127 -5.17 40.38 9.27
CA GLY A 127 -5.40 40.10 10.68
C GLY A 127 -5.53 38.64 11.03
N LEU A 128 -4.86 37.76 10.29
CA LEU A 128 -5.01 36.33 10.47
C LEU A 128 -3.68 35.68 10.86
N PRO A 129 -3.72 34.65 11.71
CA PRO A 129 -2.49 33.95 12.08
C PRO A 129 -2.04 33.00 10.99
N PHE A 130 -0.86 32.42 11.22
CA PHE A 130 -0.19 31.53 10.27
C PHE A 130 -0.18 30.14 10.90
N LEU A 131 -1.03 29.25 10.40
CA LEU A 131 -1.37 28.02 11.09
C LEU A 131 -0.84 26.79 10.37
N ALA A 132 -0.68 25.72 11.13
CA ALA A 132 -0.14 24.45 10.66
C ALA A 132 -0.42 23.40 11.73
N PRO A 133 -0.33 22.10 11.39
CA PRO A 133 -0.48 21.07 12.43
C PRO A 133 0.56 21.21 13.53
N SER A 134 1.82 21.47 13.17
CA SER A 134 2.88 21.71 14.14
C SER A 134 3.62 22.98 13.74
N ALA A 135 4.26 23.60 14.74
CA ALA A 135 4.98 24.86 14.53
C ALA A 135 6.31 24.59 13.81
N LEU A 136 6.19 24.26 12.53
CA LEU A 136 7.32 23.94 11.69
C LEU A 136 7.15 24.58 10.32
N TYR A 137 8.24 25.04 9.75
CA TYR A 137 8.26 25.59 8.41
C TYR A 137 8.78 24.55 7.42
N PHE A 138 8.36 24.66 6.17
CA PHE A 138 8.86 23.74 5.15
C PHE A 138 10.21 24.15 4.58
N SER A 139 10.67 25.38 4.87
CA SER A 139 11.96 25.84 4.37
C SER A 139 12.43 26.99 5.25
N GLU A 140 13.76 27.18 5.25
CA GLU A 140 14.32 28.33 5.95
C GLU A 140 13.89 29.64 5.32
N GLU A 141 13.67 29.64 4.00
CA GLU A 141 13.15 30.83 3.32
C GLU A 141 11.80 31.23 3.88
N SER A 142 10.88 30.27 3.99
CA SER A 142 9.57 30.56 4.55
C SER A 142 9.67 30.98 6.01
N LYS A 143 10.60 30.38 6.77
CA LYS A 143 10.78 30.75 8.16
C LYS A 143 11.22 32.20 8.29
N LYS A 144 12.20 32.61 7.49
CA LYS A 144 12.64 34.00 7.50
C LYS A 144 11.52 34.93 7.05
N ALA A 145 10.72 34.51 6.08
CA ALA A 145 9.62 35.34 5.60
C ALA A 145 8.59 35.56 6.70
N ALA A 146 8.23 34.49 7.42
CA ALA A 146 7.23 34.63 8.48
C ALA A 146 7.78 35.41 9.67
N GLU A 147 9.06 35.24 9.98
CA GLU A 147 9.66 35.97 11.09
C GLU A 147 9.75 37.46 10.77
N GLU A 148 10.09 37.82 9.53
CA GLU A 148 10.17 39.23 9.17
C GLU A 148 8.78 39.85 9.03
N ALA A 149 7.75 39.06 8.76
CA ALA A 149 6.39 39.58 8.69
C ALA A 149 5.73 39.72 10.06
N GLY A 150 6.39 39.26 11.12
CA GLY A 150 5.78 39.28 12.43
C GLY A 150 4.62 38.34 12.60
N ASN A 151 4.49 37.35 11.72
CA ASN A 151 3.39 36.36 11.75
C ASN A 151 4.03 34.98 11.70
N GLU A 152 4.44 34.48 12.86
CA GLU A 152 5.16 33.21 12.94
C GLU A 152 4.18 32.05 13.03
N VAL A 153 4.62 30.88 12.54
CA VAL A 153 3.73 29.73 12.41
C VAL A 153 3.31 29.25 13.80
N GLN A 154 2.07 28.78 13.90
CA GLN A 154 1.51 28.31 15.16
C GLN A 154 0.87 26.95 14.96
N ALA A 155 1.05 26.07 15.94
CA ALA A 155 0.34 24.81 15.94
C ALA A 155 -1.14 25.05 16.25
N MET A 156 -2.02 24.50 15.41
CA MET A 156 -3.44 24.76 15.54
C MET A 156 -3.96 24.24 16.88
N THR A 157 -4.78 25.05 17.53
CA THR A 157 -5.50 24.60 18.71
C THR A 157 -6.67 23.70 18.29
N LEU A 158 -7.27 23.04 19.29
CA LEU A 158 -8.46 22.26 19.02
C LEU A 158 -9.58 23.13 18.46
N GLU A 159 -9.72 24.35 19.01
CA GLU A 159 -10.75 25.26 18.54
C GLU A 159 -10.52 25.65 17.08
N GLN A 160 -9.27 25.90 16.71
CA GLN A 160 -8.99 26.26 15.32
C GLN A 160 -9.26 25.10 14.37
N ILE A 161 -9.07 23.86 14.84
CA ILE A 161 -9.36 22.70 14.00
C ILE A 161 -10.86 22.55 13.82
N GLU A 162 -11.62 22.66 14.91
CA GLU A 162 -13.08 22.67 14.83
C GLU A 162 -13.57 23.73 13.85
N GLN A 163 -13.02 24.94 13.97
CA GLN A 163 -13.39 26.03 13.07
C GLN A 163 -13.02 25.71 11.63
N THR A 164 -11.90 25.00 11.43
CA THR A 164 -11.53 24.57 10.09
C THR A 164 -12.60 23.64 9.51
N LYS A 165 -13.04 22.67 10.30
CA LYS A 165 -14.10 21.77 9.84
C LYS A 165 -15.36 22.54 9.48
N LYS A 166 -15.83 23.41 10.39
CA LYS A 166 -17.04 24.19 10.11
C LYS A 166 -16.87 25.04 8.85
N ASP A 167 -15.67 25.60 8.64
CA ASP A 167 -15.44 26.40 7.44
C ASP A 167 -15.50 25.55 6.19
N TYR A 168 -14.97 24.33 6.24
CA TYR A 168 -15.11 23.42 5.10
C TYR A 168 -16.57 23.14 4.80
N VAL A 169 -17.38 22.92 5.85
CA VAL A 169 -18.81 22.66 5.63
C VAL A 169 -19.47 23.86 4.98
N ASN A 170 -19.20 25.07 5.49
CA ASN A 170 -19.83 26.27 4.96
C ASN A 170 -19.42 26.50 3.50
N ALA A 171 -18.14 26.32 3.18
CA ALA A 171 -17.68 26.51 1.81
C ALA A 171 -18.29 25.47 0.87
N ALA A 172 -18.40 24.23 1.34
CA ALA A 172 -19.03 23.19 0.52
C ALA A 172 -20.49 23.51 0.24
N LYS A 173 -21.21 23.99 1.26
CA LYS A 173 -22.61 24.36 1.06
C LYS A 173 -22.73 25.54 0.10
N ASN A 174 -21.86 26.54 0.23
CA ASN A 174 -21.87 27.66 -0.71
C ASN A 174 -21.62 27.19 -2.13
N ALA A 175 -20.67 26.29 -2.32
CA ALA A 175 -20.33 25.82 -3.65
C ALA A 175 -21.48 25.01 -4.25
N ILE A 176 -21.93 23.97 -3.54
CA ILE A 176 -22.90 23.04 -4.11
C ILE A 176 -24.28 23.70 -4.20
N GLN A 177 -24.77 24.24 -3.09
CA GLN A 177 -26.16 24.65 -3.00
C GLN A 177 -26.41 26.06 -3.52
N LYS A 178 -25.50 27.00 -3.24
CA LYS A 178 -25.69 28.38 -3.69
C LYS A 178 -25.14 28.61 -5.09
N ALA A 179 -23.89 28.23 -5.33
CA ALA A 179 -23.27 28.45 -6.63
C ALA A 179 -23.67 27.39 -7.66
N GLY A 180 -24.07 26.20 -7.22
CA GLY A 180 -24.55 25.18 -8.14
C GLY A 180 -23.49 24.27 -8.72
N PHE A 181 -22.29 24.23 -8.15
CA PHE A 181 -21.27 23.31 -8.62
C PHE A 181 -21.76 21.86 -8.55
N ASP A 182 -21.24 21.02 -9.44
CA ASP A 182 -21.65 19.63 -9.45
C ASP A 182 -20.97 18.83 -8.36
N MET A 183 -19.71 19.15 -8.05
CA MET A 183 -18.99 18.53 -6.96
C MET A 183 -18.20 19.58 -6.20
N VAL A 184 -17.69 19.18 -5.05
CA VAL A 184 -16.71 19.97 -4.29
C VAL A 184 -15.55 19.04 -3.97
N GLU A 185 -14.34 19.46 -4.33
CA GLU A 185 -13.16 18.60 -4.24
C GLU A 185 -12.27 19.11 -3.10
N VAL A 186 -11.99 18.22 -2.14
CA VAL A 186 -11.15 18.57 -1.01
C VAL A 186 -9.69 18.41 -1.44
N HIS A 187 -8.97 19.52 -1.47
CA HIS A 187 -7.55 19.52 -1.80
C HIS A 187 -6.79 19.03 -0.57
N SER A 188 -6.23 17.83 -0.66
CA SER A 188 -5.46 17.23 0.43
C SER A 188 -4.10 16.77 -0.07
N ALA A 189 -3.51 17.54 -0.98
CA ALA A 189 -2.26 17.17 -1.62
C ALA A 189 -1.28 18.34 -1.61
N HIS A 190 -0.06 18.04 -2.05
CA HIS A 190 0.95 19.06 -2.38
C HIS A 190 1.35 19.90 -1.18
N GLY A 191 1.40 19.28 0.00
CA GLY A 191 1.95 19.95 1.16
C GLY A 191 1.13 21.09 1.72
N TYR A 192 -0.14 21.19 1.33
CA TYR A 192 -1.02 22.18 1.94
C TYR A 192 -1.60 21.58 3.23
N LEU A 193 -2.54 22.29 3.88
CA LEU A 193 -2.85 22.03 5.28
C LEU A 193 -3.17 20.57 5.55
N LEU A 194 -4.12 20.00 4.81
CA LEU A 194 -4.53 18.63 5.09
C LEU A 194 -3.39 17.65 4.86
N ASP A 195 -2.63 17.85 3.78
CA ASP A 195 -1.43 17.05 3.56
C ASP A 195 -0.46 17.22 4.72
N GLN A 196 -0.30 18.45 5.21
CA GLN A 196 0.56 18.69 6.37
C GLN A 196 0.11 17.85 7.56
N PHE A 197 -1.19 17.71 7.76
CA PHE A 197 -1.68 16.82 8.82
C PHE A 197 -1.38 15.36 8.49
N ILE A 198 -1.36 15.00 7.20
CA ILE A 198 -1.08 13.62 6.84
C ILE A 198 0.40 13.29 6.98
N GLN A 199 1.28 14.24 6.70
CA GLN A 199 2.71 13.96 6.57
C GLN A 199 3.39 13.90 7.93
N THR A 200 4.24 12.87 8.12
CA THR A 200 5.05 12.79 9.32
C THR A 200 6.05 13.93 9.41
N THR A 201 6.53 14.43 8.25
CA THR A 201 7.48 15.53 8.25
C THR A 201 6.88 16.79 8.85
N ALA A 202 5.57 17.00 8.68
CA ALA A 202 4.93 18.23 9.10
C ALA A 202 4.12 18.08 10.39
N ASN A 203 3.71 16.87 10.75
CA ASN A 203 2.80 16.64 11.88
C ASN A 203 3.57 15.97 13.01
N LYS A 204 3.88 16.74 14.06
CA LYS A 204 4.47 16.21 15.28
C LYS A 204 3.47 16.20 16.44
N ARG A 205 2.18 16.39 16.15
CA ARG A 205 1.19 16.50 17.20
C ARG A 205 1.12 15.22 18.03
N THR A 206 0.80 15.37 19.31
CA THR A 206 0.66 14.26 20.23
C THR A 206 -0.76 14.06 20.72
N ASP A 207 -1.72 14.82 20.18
CA ASP A 207 -3.13 14.56 20.45
C ASP A 207 -3.66 13.60 19.38
N LYS A 208 -4.97 13.46 19.29
CA LYS A 208 -5.56 12.49 18.38
C LYS A 208 -5.44 12.90 16.91
N TYR A 209 -4.82 14.02 16.58
CA TYR A 209 -4.63 14.43 15.19
C TYR A 209 -3.21 14.20 14.71
N GLY A 210 -2.38 13.51 15.51
CA GLY A 210 -1.04 13.15 15.09
C GLY A 210 -0.55 11.96 15.89
N GLY A 211 0.60 11.42 15.47
CA GLY A 211 1.24 10.33 16.17
C GLY A 211 0.93 8.94 15.67
N SER A 212 0.05 8.81 14.67
CA SER A 212 -0.22 7.52 14.07
C SER A 212 -0.83 7.75 12.70
N ILE A 213 -0.98 6.66 11.94
CA ILE A 213 -1.62 6.74 10.63
C ILE A 213 -3.07 7.19 10.78
N GLU A 214 -3.80 6.54 11.68
CA GLU A 214 -5.20 6.93 11.91
C GLU A 214 -5.30 8.38 12.37
N ASN A 215 -4.38 8.81 13.24
CA ASN A 215 -4.44 10.17 13.77
C ASN A 215 -4.06 11.21 12.72
N ARG A 216 -3.05 10.91 11.90
CA ARG A 216 -2.64 11.87 10.88
C ARG A 216 -3.69 12.03 9.79
N ALA A 217 -4.44 10.97 9.51
CA ALA A 217 -5.51 11.03 8.52
C ALA A 217 -6.83 11.50 9.11
N ARG A 218 -6.87 11.77 10.42
CA ARG A 218 -8.15 12.01 11.09
C ARG A 218 -8.82 13.29 10.59
N LEU A 219 -8.06 14.37 10.48
CA LEU A 219 -8.65 15.65 10.09
C LEU A 219 -9.30 15.54 8.70
N LEU A 220 -8.57 14.97 7.75
CA LEU A 220 -9.10 14.79 6.40
C LEU A 220 -10.41 14.00 6.44
N LEU A 221 -10.43 12.87 7.15
CA LEU A 221 -11.62 12.02 7.16
C LEU A 221 -12.79 12.70 7.85
N GLU A 222 -12.51 13.49 8.90
CA GLU A 222 -13.59 14.21 9.57
C GLU A 222 -14.17 15.29 8.67
N VAL A 223 -13.32 16.03 7.97
CA VAL A 223 -13.79 17.01 6.99
C VAL A 223 -14.64 16.32 5.93
N ILE A 224 -14.17 15.18 5.42
CA ILE A 224 -14.90 14.44 4.39
C ILE A 224 -16.26 14.02 4.91
N ASP A 225 -16.32 13.52 6.15
CA ASP A 225 -17.60 13.05 6.69
C ASP A 225 -18.58 14.21 6.88
N LEU A 226 -18.10 15.33 7.42
CA LEU A 226 -18.99 16.48 7.59
C LEU A 226 -19.50 17.01 6.26
N VAL A 227 -18.61 17.08 5.26
CA VAL A 227 -19.02 17.57 3.95
C VAL A 227 -20.00 16.61 3.28
N ILE A 228 -19.77 15.30 3.44
CA ILE A 228 -20.70 14.31 2.89
C ILE A 228 -22.07 14.46 3.54
N GLU A 229 -22.10 14.64 4.86
CA GLU A 229 -23.37 14.88 5.53
C GLU A 229 -24.02 16.18 5.05
N ALA A 230 -23.21 17.16 4.66
CA ALA A 230 -23.76 18.44 4.24
C ALA A 230 -24.39 18.36 2.85
N VAL A 231 -23.64 17.84 1.88
CA VAL A 231 -24.04 17.93 0.47
C VAL A 231 -24.22 16.57 -0.20
N GLY A 232 -23.90 15.47 0.46
CA GLY A 232 -24.03 14.17 -0.17
C GLY A 232 -22.74 13.68 -0.79
N ALA A 233 -22.50 12.36 -0.71
CA ALA A 233 -21.22 11.82 -1.13
C ALA A 233 -20.99 12.01 -2.63
N ASP A 234 -22.04 11.91 -3.44
CA ASP A 234 -21.89 12.05 -4.88
C ASP A 234 -21.56 13.47 -5.32
N HIS A 235 -21.50 14.43 -4.39
CA HIS A 235 -21.06 15.78 -4.69
C HIS A 235 -19.72 16.10 -4.03
N VAL A 236 -18.99 15.08 -3.61
CA VAL A 236 -17.75 15.26 -2.84
C VAL A 236 -16.62 14.49 -3.53
N ALA A 237 -15.42 15.05 -3.48
CA ALA A 237 -14.23 14.42 -4.01
C ALA A 237 -13.04 14.83 -3.14
N VAL A 238 -11.86 14.31 -3.50
CA VAL A 238 -10.65 14.59 -2.74
C VAL A 238 -9.47 14.33 -3.66
N ARG A 239 -8.37 15.07 -3.44
CA ARG A 239 -7.14 14.86 -4.18
C ARG A 239 -6.02 14.50 -3.22
N LEU A 240 -5.21 13.51 -3.62
CA LEU A 240 -4.08 13.03 -2.82
C LEU A 240 -2.84 12.93 -3.71
N SER A 241 -1.68 13.17 -3.10
CA SER A 241 -0.40 13.10 -3.79
C SER A 241 0.60 12.36 -2.91
N PRO A 242 0.47 11.03 -2.83
CA PRO A 242 1.31 10.28 -1.87
C PRO A 242 2.81 10.40 -2.14
N TYR A 243 3.23 10.51 -3.39
CA TYR A 243 4.65 10.53 -3.72
C TYR A 243 5.25 11.94 -3.75
N ALA A 244 4.43 12.98 -3.72
CA ALA A 244 4.94 14.34 -3.86
C ALA A 244 5.79 14.73 -2.66
N THR A 245 6.83 15.52 -2.94
CA THR A 245 7.70 16.08 -1.91
C THR A 245 7.65 17.60 -1.90
N PHE A 246 6.64 18.18 -2.54
CA PHE A 246 6.52 19.63 -2.61
C PHE A 246 6.20 20.20 -1.22
N GLN A 247 6.87 21.30 -0.88
CA GLN A 247 6.64 22.04 0.37
C GLN A 247 6.84 21.14 1.59
N GLY A 248 7.94 20.39 1.59
CA GLY A 248 8.37 19.63 2.74
C GLY A 248 7.65 18.32 2.97
N SER A 249 6.75 17.91 2.08
CA SER A 249 6.10 16.62 2.22
C SER A 249 7.12 15.49 2.09
N GLY A 250 6.85 14.37 2.77
CA GLY A 250 7.87 13.35 2.91
C GLY A 250 8.00 12.42 1.72
N GLY A 251 6.91 12.19 0.99
CA GLY A 251 6.95 11.23 -0.09
C GLY A 251 7.40 9.86 0.40
N VAL A 252 8.14 9.14 -0.45
CA VAL A 252 8.68 7.84 -0.07
C VAL A 252 9.71 7.91 1.05
N ASP A 253 10.22 9.11 1.34
CA ASP A 253 11.22 9.29 2.39
C ASP A 253 10.60 9.53 3.77
N ALA A 254 9.27 9.57 3.86
CA ALA A 254 8.63 9.73 5.16
C ALA A 254 9.01 8.58 6.09
N GLU A 255 8.98 8.88 7.39
CA GLU A 255 9.31 7.85 8.39
C GLU A 255 8.32 6.69 8.34
N VAL A 256 7.09 6.95 7.88
CA VAL A 256 6.14 5.90 7.57
C VAL A 256 5.81 6.00 6.10
N HIS A 257 5.92 4.89 5.38
CA HIS A 257 5.83 4.91 3.92
C HIS A 257 4.44 5.41 3.49
N PRO A 258 4.36 6.20 2.42
CA PRO A 258 3.05 6.72 1.98
C PRO A 258 2.08 5.65 1.51
N ILE A 259 2.57 4.47 1.14
CA ILE A 259 1.67 3.38 0.77
C ILE A 259 0.84 2.95 1.97
N ALA A 260 1.41 3.01 3.17
CA ALA A 260 0.68 2.65 4.38
C ALA A 260 -0.28 3.76 4.80
N GLN A 261 0.22 5.00 4.88
CA GLN A 261 -0.59 6.13 5.30
C GLN A 261 -1.75 6.37 4.34
N PHE A 262 -1.41 6.67 3.08
CA PHE A 262 -2.44 6.92 2.07
C PHE A 262 -3.17 5.64 1.71
N GLY A 263 -2.53 4.48 1.87
CA GLY A 263 -3.27 3.23 1.75
C GLY A 263 -4.40 3.13 2.75
N TYR A 264 -4.14 3.57 3.99
CA TYR A 264 -5.19 3.61 4.99
C TYR A 264 -6.26 4.63 4.63
N ILE A 265 -5.85 5.81 4.14
CA ILE A 265 -6.84 6.81 3.73
C ILE A 265 -7.77 6.24 2.67
N LEU A 266 -7.19 5.66 1.61
CA LEU A 266 -7.99 5.06 0.55
C LEU A 266 -8.89 3.95 1.08
N SER A 267 -8.36 3.14 2.00
CA SER A 267 -9.16 2.07 2.60
C SER A 267 -10.37 2.64 3.33
N GLU A 268 -10.19 3.78 4.01
CA GLU A 268 -11.30 4.38 4.74
C GLU A 268 -12.34 4.97 3.78
N LEU A 269 -11.88 5.62 2.71
CA LEU A 269 -12.83 6.12 1.71
C LEU A 269 -13.62 4.99 1.07
N GLU A 270 -12.94 3.89 0.74
CA GLU A 270 -13.63 2.72 0.19
C GLU A 270 -14.58 2.09 1.20
N ARG A 271 -14.25 2.16 2.49
CA ARG A 271 -15.17 1.65 3.51
C ARG A 271 -16.43 2.51 3.58
N ARG A 272 -16.26 3.84 3.55
CA ARG A 272 -17.43 4.71 3.49
C ARG A 272 -18.27 4.42 2.25
N ALA A 273 -17.62 4.14 1.11
CA ALA A 273 -18.35 3.75 -0.08
C ALA A 273 -19.10 2.44 0.14
N LYS A 274 -18.48 1.49 0.84
CA LYS A 274 -19.14 0.23 1.15
C LYS A 274 -20.31 0.41 2.11
N GLU A 275 -20.32 1.49 2.88
CA GLU A 275 -21.45 1.83 3.73
C GLU A 275 -22.43 2.78 3.04
N GLY A 276 -22.35 2.89 1.72
CA GLY A 276 -23.30 3.67 0.96
C GLY A 276 -23.00 5.13 0.81
N LYS A 277 -21.74 5.55 1.04
CA LYS A 277 -21.32 6.94 0.81
C LYS A 277 -20.10 6.89 -0.09
N ARG A 278 -20.35 6.81 -1.40
CA ARG A 278 -19.30 6.71 -2.40
C ARG A 278 -19.00 8.10 -2.95
N LEU A 279 -17.74 8.51 -2.82
CA LEU A 279 -17.34 9.81 -3.36
C LEU A 279 -17.55 9.86 -4.86
N ALA A 280 -17.76 11.08 -5.37
CA ALA A 280 -17.89 11.25 -6.81
C ALA A 280 -16.64 10.75 -7.54
N TYR A 281 -15.47 11.12 -7.04
CA TYR A 281 -14.21 10.64 -7.60
C TYR A 281 -13.09 10.89 -6.60
N VAL A 282 -11.99 10.16 -6.80
CA VAL A 282 -10.75 10.39 -6.07
C VAL A 282 -9.69 10.81 -7.08
N SER A 283 -9.06 11.95 -6.85
CA SER A 283 -8.10 12.53 -7.77
C SER A 283 -6.68 12.18 -7.32
N ILE A 284 -5.88 11.64 -8.24
CA ILE A 284 -4.52 11.21 -7.96
C ILE A 284 -3.58 11.74 -9.03
N VAL A 285 -2.33 11.96 -8.62
CA VAL A 285 -1.29 12.53 -9.47
C VAL A 285 -0.32 11.42 -9.85
N GLU A 286 -0.10 11.27 -11.14
CA GLU A 286 0.84 10.25 -11.61
C GLU A 286 2.28 10.68 -11.30
N PRO A 287 3.12 9.78 -10.79
CA PRO A 287 4.51 10.00 -10.41
C PRO A 287 5.33 10.75 -11.46
N GLU A 300 8.05 4.11 -8.17
CA GLU A 300 6.77 4.74 -7.87
C GLU A 300 5.72 4.38 -8.92
N ASP A 301 4.54 3.97 -8.46
CA ASP A 301 3.46 3.58 -9.35
C ASP A 301 2.15 3.58 -8.56
N ASN A 302 1.09 4.13 -9.16
CA ASN A 302 -0.18 4.32 -8.47
C ASN A 302 -1.09 3.09 -8.53
N SER A 303 -0.61 1.97 -9.08
CA SER A 303 -1.46 0.80 -9.23
C SER A 303 -2.11 0.38 -7.92
N TRP A 304 -1.33 0.37 -6.83
CA TRP A 304 -1.87 -0.04 -5.54
C TRP A 304 -3.06 0.81 -5.14
N MET A 305 -3.01 2.12 -5.44
CA MET A 305 -4.16 2.97 -5.15
C MET A 305 -5.41 2.43 -5.82
N LEU A 306 -5.32 2.10 -7.10
CA LEU A 306 -6.47 1.56 -7.81
C LEU A 306 -6.90 0.21 -7.28
N GLN A 307 -6.01 -0.50 -6.58
CA GLN A 307 -6.42 -1.74 -5.92
C GLN A 307 -7.41 -1.48 -4.79
N ILE A 308 -7.27 -0.36 -4.10
CA ILE A 308 -8.05 -0.11 -2.89
C ILE A 308 -9.34 0.61 -3.24
N TRP A 309 -9.21 1.76 -3.91
CA TRP A 309 -10.38 2.55 -4.29
C TRP A 309 -11.02 1.95 -5.53
N LYS A 310 -12.32 1.64 -5.46
CA LYS A 310 -13.03 0.97 -6.53
C LYS A 310 -13.88 1.91 -7.37
N GLY A 311 -14.04 3.17 -6.96
CA GLY A 311 -14.89 4.10 -7.65
C GLY A 311 -14.17 4.84 -8.77
N VAL A 312 -14.80 5.94 -9.20
CA VAL A 312 -14.20 6.77 -10.24
C VAL A 312 -12.89 7.35 -9.73
N VAL A 313 -11.85 7.25 -10.54
CA VAL A 313 -10.53 7.77 -10.20
C VAL A 313 -10.07 8.69 -11.32
N LEU A 314 -9.65 9.90 -10.96
CA LEU A 314 -9.11 10.87 -11.90
C LEU A 314 -7.59 10.83 -11.81
N ARG A 315 -6.93 10.47 -12.91
CA ARG A 315 -5.48 10.37 -12.95
C ARG A 315 -4.92 11.54 -13.75
N SER A 316 -3.99 12.29 -13.16
CA SER A 316 -3.45 13.47 -13.83
C SER A 316 -1.92 13.46 -13.79
N GLY A 317 -1.32 14.05 -14.82
CA GLY A 317 0.11 14.29 -14.86
C GLY A 317 0.86 13.60 -15.98
N GLY A 318 1.39 14.39 -16.91
CA GLY A 318 2.30 13.89 -17.94
C GLY A 318 1.64 13.25 -19.14
N TYR A 319 0.32 13.05 -19.13
CA TYR A 319 -0.34 12.19 -20.10
C TYR A 319 -0.23 12.71 -21.54
N LEU A 320 -0.01 14.01 -21.74
CA LEU A 320 0.05 14.56 -23.08
C LEU A 320 1.47 14.86 -23.55
N SER A 321 2.49 14.47 -22.77
CA SER A 321 3.85 14.62 -23.23
C SER A 321 4.12 13.70 -24.42
N GLU A 322 5.29 13.86 -25.03
CA GLU A 322 5.67 13.05 -26.18
C GLU A 322 5.84 11.58 -25.82
N LYS A 323 5.69 11.22 -24.54
CA LYS A 323 5.68 9.83 -24.10
C LYS A 323 4.47 9.49 -23.24
N GLY A 324 3.80 10.49 -22.63
CA GLY A 324 2.62 10.20 -21.82
C GLY A 324 1.48 9.61 -22.63
N ILE A 325 1.34 10.02 -23.89
CA ILE A 325 0.44 9.32 -24.80
C ILE A 325 0.87 7.87 -24.91
N ALA A 326 -0.11 6.97 -24.97
CA ALA A 326 -0.04 5.51 -24.91
C ALA A 326 0.13 5.01 -23.48
N HIS A 327 0.27 5.92 -22.50
CA HIS A 327 -0.15 5.63 -21.14
C HIS A 327 -1.49 6.27 -20.84
N LEU A 328 -1.84 7.34 -21.56
CA LEU A 328 -3.23 7.81 -21.58
C LEU A 328 -4.15 6.73 -22.12
N ILE A 329 -3.82 6.17 -23.29
CA ILE A 329 -4.63 5.11 -23.89
C ILE A 329 -4.72 3.92 -22.95
N LYS A 330 -3.55 3.45 -22.47
CA LYS A 330 -3.51 2.29 -21.60
C LYS A 330 -4.35 2.50 -20.34
N ASP A 331 -4.19 3.66 -19.69
CA ASP A 331 -4.86 3.87 -18.41
C ASP A 331 -6.35 4.12 -18.58
N VAL A 332 -6.74 4.92 -19.58
CA VAL A 332 -8.15 5.21 -19.74
C VAL A 332 -8.91 4.00 -20.28
N ASN A 333 -8.23 3.11 -21.02
CA ASN A 333 -8.85 1.89 -21.50
C ASN A 333 -8.69 0.71 -20.55
N ALA A 334 -7.89 0.87 -19.49
CA ALA A 334 -7.63 -0.24 -18.58
C ALA A 334 -8.91 -0.72 -17.90
N ASP A 335 -9.79 0.21 -17.55
CA ASP A 335 -11.06 -0.14 -16.93
C ASP A 335 -12.11 0.87 -17.40
N ASP A 336 -13.27 0.86 -16.74
CA ASP A 336 -14.40 1.69 -17.11
C ASP A 336 -14.68 2.78 -16.07
N ARG A 337 -13.70 3.12 -15.24
CA ARG A 337 -13.91 4.09 -14.16
C ARG A 337 -12.78 5.13 -14.08
N THR A 338 -12.02 5.32 -15.14
CA THR A 338 -10.82 6.15 -15.10
C THR A 338 -11.03 7.42 -15.92
N LEU A 339 -10.82 8.57 -15.27
CA LEU A 339 -10.78 9.86 -15.92
C LEU A 339 -9.33 10.28 -16.11
N ILE A 340 -9.07 11.05 -17.16
CA ILE A 340 -7.72 11.52 -17.49
C ILE A 340 -7.72 13.04 -17.42
N GLY A 341 -6.87 13.58 -16.55
CA GLY A 341 -6.75 15.02 -16.38
C GLY A 341 -5.54 15.58 -17.12
N CYS A 342 -5.74 16.69 -17.81
CA CYS A 342 -4.67 17.40 -18.52
C CYS A 342 -4.77 18.87 -18.16
N SER A 343 -3.78 19.38 -17.42
CA SER A 343 -3.82 20.74 -16.89
C SER A 343 -3.03 21.72 -17.74
N ARG A 344 -1.72 21.47 -17.92
CA ARG A 344 -0.86 22.47 -18.54
C ARG A 344 -1.24 22.74 -19.99
N TYR A 345 -1.59 21.70 -20.73
CA TYR A 345 -2.03 21.91 -22.11
C TYR A 345 -3.44 22.48 -22.21
N PHE A 346 -4.26 22.30 -21.17
CA PHE A 346 -5.58 22.92 -21.18
C PHE A 346 -5.48 24.43 -21.02
N THR A 347 -4.42 24.92 -20.38
CA THR A 347 -4.24 26.36 -20.23
C THR A 347 -4.01 27.04 -21.57
N SER A 348 -3.25 26.40 -22.47
CA SER A 348 -2.90 26.97 -23.76
C SER A 348 -3.77 26.47 -24.89
N ASN A 349 -4.70 25.56 -24.62
CA ASN A 349 -5.60 25.00 -25.63
C ASN A 349 -7.01 25.06 -25.08
N PRO A 350 -7.73 26.16 -25.31
CA PRO A 350 -9.13 26.24 -24.84
C PRO A 350 -10.04 25.23 -25.51
N ASP A 351 -9.70 24.78 -26.72
CA ASP A 351 -10.46 23.75 -27.42
C ASP A 351 -9.76 22.40 -27.37
N LEU A 352 -9.08 22.10 -26.27
CA LEU A 352 -8.36 20.84 -26.14
C LEU A 352 -9.24 19.60 -26.35
N PRO A 353 -10.49 19.53 -25.87
CA PRO A 353 -11.29 18.33 -26.15
C PRO A 353 -11.42 17.99 -27.63
N ASN A 354 -11.68 18.99 -28.48
CA ASN A 354 -11.81 18.70 -29.90
C ASN A 354 -10.48 18.37 -30.54
N ARG A 355 -9.39 19.00 -30.08
CA ARG A 355 -8.08 18.70 -30.64
C ARG A 355 -7.65 17.27 -30.33
N LEU A 356 -7.88 16.83 -29.09
CA LEU A 356 -7.59 15.44 -28.76
C LEU A 356 -8.58 14.49 -29.45
N ARG A 357 -9.83 14.92 -29.63
CA ARG A 357 -10.81 14.09 -30.30
C ARG A 357 -10.43 13.82 -31.75
N ASP A 358 -9.96 14.85 -32.45
CA ASP A 358 -9.65 14.74 -33.87
C ASP A 358 -8.15 14.56 -34.15
N GLY A 359 -7.32 14.57 -33.12
CA GLY A 359 -5.89 14.37 -33.31
C GLY A 359 -5.19 15.58 -33.90
N LEU A 360 -5.58 16.76 -33.50
CA LEU A 360 -4.99 17.97 -34.07
C LEU A 360 -3.88 18.51 -33.17
N PRO A 361 -2.84 19.08 -33.77
CA PRO A 361 -1.68 19.51 -32.97
C PRO A 361 -2.04 20.52 -31.90
N LEU A 362 -1.35 20.43 -30.77
CA LEU A 362 -1.62 21.25 -29.60
C LEU A 362 -0.69 22.46 -29.58
N THR A 363 -1.21 23.55 -29.03
CA THR A 363 -0.42 24.75 -28.81
C THR A 363 0.45 24.55 -27.56
N PRO A 364 1.76 24.80 -27.66
CA PRO A 364 2.62 24.67 -26.47
C PRO A 364 2.17 25.61 -25.37
N TYR A 365 2.25 25.13 -24.12
CA TYR A 365 1.91 25.98 -22.99
C TYR A 365 3.11 26.85 -22.61
N ASP A 366 2.83 27.93 -21.89
CA ASP A 366 3.83 28.92 -21.52
C ASP A 366 3.82 29.06 -20.01
N ARG A 367 4.76 28.38 -19.35
CA ARG A 367 4.83 28.40 -17.89
C ARG A 367 5.07 29.81 -17.35
N SER A 368 5.76 30.66 -18.12
CA SER A 368 6.10 31.99 -17.64
C SER A 368 4.87 32.85 -17.37
N ARG A 369 3.70 32.44 -17.89
CA ARG A 369 2.46 33.20 -17.68
C ARG A 369 1.42 32.38 -16.92
N PHE A 370 1.84 31.29 -16.27
CA PHE A 370 0.93 30.54 -15.41
C PHE A 370 0.38 31.41 -14.29
N TYR A 371 1.25 32.18 -13.64
CA TYR A 371 0.90 32.94 -12.43
C TYR A 371 1.02 34.44 -12.65
N LYS A 372 0.83 34.91 -13.89
CA LYS A 372 0.86 36.33 -14.16
C LYS A 372 -0.37 36.98 -13.51
N ILE A 373 -0.15 37.68 -12.41
CA ILE A 373 -1.25 38.10 -11.54
C ILE A 373 -2.16 39.08 -12.27
N PHE A 374 -3.46 38.76 -12.32
CA PHE A 374 -4.51 39.68 -12.72
C PHE A 374 -4.32 40.20 -14.15
N SER A 375 -3.78 39.35 -15.02
CA SER A 375 -3.50 39.74 -16.40
C SER A 375 -4.10 38.73 -17.37
N ASN A 376 -4.70 39.23 -18.44
CA ASN A 376 -5.19 38.37 -19.51
C ASN A 376 -4.07 37.85 -20.41
N ASP A 377 -2.87 38.42 -20.32
CA ASP A 377 -1.76 37.97 -21.14
C ASP A 377 -1.38 36.54 -20.76
N GLY A 378 -1.34 35.67 -21.75
CA GLY A 378 -1.14 34.25 -21.50
C GLY A 378 -2.28 33.57 -20.78
N TYR A 379 -3.42 34.25 -20.65
CA TYR A 379 -4.61 33.71 -20.00
C TYR A 379 -5.79 33.62 -20.95
N LEU A 380 -6.10 34.71 -21.66
CA LEU A 380 -7.16 34.74 -22.67
C LEU A 380 -6.62 34.98 -24.06
N THR A 381 -5.29 35.04 -24.22
CA THR A 381 -4.68 35.34 -25.52
C THR A 381 -4.59 34.13 -26.43
N TRP A 382 -4.90 32.93 -25.93
CA TRP A 382 -4.78 31.72 -26.72
C TRP A 382 -5.93 31.62 -27.72
N GLY A 383 -5.59 31.26 -28.96
CA GLY A 383 -6.60 31.05 -29.97
C GLY A 383 -7.04 29.59 -30.04
N LYS A 384 -8.14 29.37 -30.76
CA LYS A 384 -8.56 28.01 -31.06
C LYS A 384 -7.59 27.39 -32.06
N TYR A 385 -7.86 26.14 -32.43
CA TYR A 385 -7.00 25.46 -33.40
C TYR A 385 -6.95 26.24 -34.70
N GLY A 386 -5.74 26.40 -35.25
CA GLY A 386 -5.54 27.14 -36.47
C GLY A 386 -5.58 28.64 -36.34
N GLU A 387 -5.88 29.17 -35.15
CA GLU A 387 -5.91 30.60 -34.89
C GLU A 387 -4.64 31.04 -34.16
N PRO A 388 -4.17 32.26 -34.41
CA PRO A 388 -2.88 32.67 -33.84
C PRO A 388 -3.00 33.10 -32.39
N GLU A 389 -1.87 33.04 -31.69
CA GLU A 389 -1.78 33.54 -30.33
C GLU A 389 -1.75 35.06 -30.35
N GLN A 390 -2.67 35.68 -29.60
CA GLN A 390 -2.67 37.13 -29.50
C GLN A 390 -1.44 37.60 -28.74
N PRO A 391 -0.83 38.70 -29.16
CA PRO A 391 0.44 39.14 -28.56
C PRO A 391 0.20 39.81 -27.20
N SER A 392 1.32 40.16 -26.55
CA SER A 392 1.26 40.74 -25.21
C SER A 392 0.69 42.16 -25.21
N ASP A 393 0.67 42.84 -26.35
CA ASP A 393 0.16 44.20 -26.44
C ASP A 393 -1.21 44.26 -27.12
N SER A 394 -1.87 43.13 -27.27
CA SER A 394 -3.18 43.11 -27.93
C SER A 394 -4.24 43.73 -27.02
N ALA A 395 -5.46 43.80 -27.53
CA ALA A 395 -6.54 44.43 -26.78
C ALA A 395 -6.89 43.64 -25.53
N ILE A 396 -7.10 42.33 -25.68
CA ILE A 396 -7.48 41.51 -24.53
C ILE A 396 -6.32 41.42 -23.53
N ALA A 397 -5.09 41.29 -24.04
CA ALA A 397 -3.93 41.13 -23.15
C ALA A 397 -3.77 42.32 -22.20
N LEU A 398 -4.18 43.51 -22.62
CA LEU A 398 -4.05 44.71 -21.82
C LEU A 398 -5.35 45.14 -21.17
N LYS A 399 -6.46 44.45 -21.45
CA LYS A 399 -7.72 44.78 -20.79
C LYS A 399 -7.67 44.34 -19.33
N THR A 400 -8.15 45.21 -18.44
CA THR A 400 -8.11 44.93 -17.02
C THR A 400 -9.29 44.06 -16.63
N PRO A 401 -9.07 42.90 -16.00
CA PRO A 401 -10.20 42.07 -15.57
C PRO A 401 -11.09 42.81 -14.58
N GLN A 402 -12.39 42.50 -14.65
CA GLN A 402 -13.39 43.13 -13.81
C GLN A 402 -14.14 42.07 -13.01
N PRO A 403 -14.46 42.34 -11.74
CA PRO A 403 -15.19 41.35 -10.94
C PRO A 403 -16.59 41.14 -11.47
N LEU A 404 -17.08 39.91 -11.29
CA LEU A 404 -18.42 39.55 -11.75
C LEU A 404 -19.50 39.97 -10.77
N ALA A 405 -19.14 40.37 -9.56
CA ALA A 405 -20.12 40.79 -8.55
C ALA A 405 -19.46 41.65 -7.48
N PRO B 8 14.88 -24.30 -20.18
CA PRO B 8 16.22 -24.02 -19.64
C PRO B 8 16.29 -22.67 -18.93
N LEU B 9 16.54 -22.71 -17.63
CA LEU B 9 16.55 -21.51 -16.79
C LEU B 9 17.94 -21.15 -16.28
N ALA B 10 18.99 -21.79 -16.80
CA ALA B 10 20.33 -21.55 -16.29
C ALA B 10 20.82 -20.14 -16.62
N ASP B 11 20.32 -19.54 -17.69
CA ASP B 11 20.78 -18.22 -18.10
C ASP B 11 20.24 -17.09 -17.23
N THR B 12 19.14 -17.32 -16.51
CA THR B 12 18.45 -16.26 -15.81
C THR B 12 19.09 -15.99 -14.45
N ASN B 13 18.56 -15.00 -13.73
CA ASN B 13 19.04 -14.70 -12.39
C ASN B 13 18.73 -15.82 -11.40
N LEU B 14 17.83 -16.74 -11.76
CA LEU B 14 17.51 -17.86 -10.87
C LEU B 14 18.75 -18.65 -10.49
N PHE B 15 19.79 -18.62 -11.33
CA PHE B 15 21.03 -19.33 -11.06
C PHE B 15 22.24 -18.39 -11.08
N LYS B 16 22.04 -17.15 -10.62
CA LYS B 16 23.11 -16.21 -10.32
C LYS B 16 23.34 -16.15 -8.83
N PRO B 17 24.58 -16.20 -8.35
CA PRO B 17 24.83 -16.12 -6.91
C PRO B 17 24.31 -14.82 -6.33
N ILE B 18 24.10 -14.83 -5.01
CA ILE B 18 23.54 -13.68 -4.30
C ILE B 18 23.90 -13.81 -2.84
N LYS B 19 24.15 -12.66 -2.21
CA LYS B 19 24.42 -12.63 -0.77
C LYS B 19 23.10 -12.40 -0.03
N VAL B 20 22.77 -13.31 0.88
CA VAL B 20 21.62 -13.18 1.75
C VAL B 20 22.13 -13.26 3.18
N GLY B 21 21.97 -12.17 3.92
CA GLY B 21 22.58 -12.11 5.24
C GLY B 21 24.08 -12.21 5.12
N LYS B 22 24.67 -13.09 5.92
CA LYS B 22 26.10 -13.40 5.84
C LYS B 22 26.41 -14.49 4.82
N ILE B 23 25.40 -15.04 4.17
CA ILE B 23 25.54 -16.28 3.40
C ILE B 23 25.67 -15.96 1.91
N GLU B 24 26.47 -16.76 1.21
CA GLU B 24 26.64 -16.66 -0.23
C GLU B 24 25.89 -17.82 -0.88
N LEU B 25 24.72 -17.53 -1.43
CA LEU B 25 23.93 -18.53 -2.15
C LEU B 25 24.42 -18.61 -3.60
N LYS B 26 24.66 -19.85 -4.05
CA LYS B 26 25.11 -20.06 -5.42
C LYS B 26 23.97 -19.91 -6.43
N ASN B 27 22.72 -20.07 -6.00
CA ASN B 27 21.56 -19.79 -6.84
C ASN B 27 20.50 -19.09 -6.01
N ARG B 28 19.38 -18.77 -6.65
CA ARG B 28 18.29 -18.07 -5.99
C ARG B 28 17.00 -18.89 -5.96
N LEU B 29 17.07 -20.16 -6.31
CA LEU B 29 15.96 -21.07 -6.12
C LEU B 29 15.91 -21.51 -4.66
N VAL B 30 14.72 -21.50 -4.08
CA VAL B 30 14.54 -21.75 -2.65
C VAL B 30 13.47 -22.81 -2.47
N PHE B 31 13.70 -23.70 -1.51
CA PHE B 31 12.68 -24.64 -1.03
C PHE B 31 11.92 -23.97 0.11
N PRO B 32 10.72 -23.45 -0.15
CA PRO B 32 9.96 -22.76 0.90
C PRO B 32 9.59 -23.72 2.02
N PRO B 33 9.22 -23.21 3.18
CA PRO B 33 8.81 -24.10 4.28
C PRO B 33 7.63 -24.96 3.86
N THR B 34 7.76 -26.27 4.07
CA THR B 34 6.76 -27.23 3.62
C THR B 34 6.49 -28.23 4.73
N THR B 35 5.35 -28.10 5.38
CA THR B 35 4.94 -29.02 6.43
C THR B 35 4.64 -30.39 5.85
N ARG B 36 5.24 -31.43 6.44
CA ARG B 36 5.04 -32.81 5.97
C ARG B 36 4.68 -33.79 7.06
N PHE B 37 4.92 -33.48 8.34
CA PHE B 37 4.52 -34.32 9.47
C PHE B 37 5.21 -35.69 9.43
N ARG B 38 6.54 -35.68 9.32
CA ARG B 38 7.34 -36.89 9.40
C ARG B 38 8.24 -36.90 10.64
N ASN B 39 7.93 -36.08 11.63
CA ASN B 39 8.59 -36.15 12.92
C ASN B 39 7.95 -37.27 13.75
N THR B 40 8.59 -37.58 14.88
CA THR B 40 8.00 -38.55 15.79
C THR B 40 6.78 -37.93 16.48
N SER B 41 6.05 -38.76 17.23
CA SER B 41 4.89 -38.26 17.95
C SER B 41 5.25 -37.33 19.10
N ASP B 42 6.52 -37.28 19.50
CA ASP B 42 7.00 -36.28 20.45
C ASP B 42 7.84 -35.20 19.75
N PHE B 43 7.66 -35.05 18.44
CA PHE B 43 8.10 -33.86 17.69
C PHE B 43 9.62 -33.78 17.58
N VAL B 44 10.27 -34.93 17.43
CA VAL B 44 11.72 -34.99 17.22
C VAL B 44 11.98 -35.27 15.75
N ALA B 45 12.97 -34.56 15.18
CA ALA B 45 13.34 -34.78 13.80
C ALA B 45 13.78 -36.23 13.59
N THR B 46 13.72 -36.66 12.33
CA THR B 46 13.74 -38.09 12.00
C THR B 46 14.72 -38.35 10.87
N ASP B 47 15.20 -39.61 10.82
CA ASP B 47 16.19 -39.98 9.81
C ASP B 47 15.66 -39.78 8.39
N SER B 48 14.38 -40.07 8.18
CA SER B 48 13.76 -39.79 6.89
C SER B 48 13.87 -38.32 6.54
N MET B 49 13.66 -37.44 7.53
CA MET B 49 13.81 -36.00 7.28
C MET B 49 15.24 -35.65 6.92
N LEU B 50 16.22 -36.30 7.55
CA LEU B 50 17.62 -36.04 7.23
C LEU B 50 17.93 -36.44 5.80
N SER B 51 17.48 -37.62 5.37
CA SER B 51 17.69 -38.02 3.98
C SER B 51 16.95 -37.08 3.03
N TYR B 52 15.78 -36.59 3.44
CA TYR B 52 14.96 -35.71 2.62
C TYR B 52 15.68 -34.38 2.35
N TYR B 53 15.97 -33.64 3.42
CA TYR B 53 16.69 -32.37 3.26
C TYR B 53 18.07 -32.58 2.67
N SER B 54 18.70 -33.72 2.95
CA SER B 54 20.01 -34.02 2.39
C SER B 54 19.94 -34.12 0.87
N GLN B 55 19.02 -34.94 0.37
CA GLN B 55 18.83 -35.03 -1.08
C GLN B 55 18.51 -33.67 -1.68
N ARG B 56 17.75 -32.85 -0.96
CA ARG B 56 17.47 -31.51 -1.49
C ARG B 56 18.62 -30.54 -1.33
N ALA B 57 19.68 -30.92 -0.61
CA ALA B 57 20.86 -30.07 -0.49
C ALA B 57 21.96 -30.45 -1.48
N GLU B 58 21.93 -31.66 -2.02
CA GLU B 58 22.93 -32.07 -3.00
C GLU B 58 22.75 -31.32 -4.31
N ASN B 59 23.87 -30.97 -4.94
CA ASN B 59 23.89 -30.35 -6.26
C ASN B 59 23.02 -29.10 -6.32
N ASN B 60 22.84 -28.44 -5.18
CA ASN B 60 21.96 -27.27 -5.11
C ASN B 60 22.71 -26.00 -4.75
N GLY B 61 23.37 -25.96 -3.60
CA GLY B 61 23.97 -24.74 -3.10
C GLY B 61 23.00 -23.63 -2.76
N GLY B 62 21.70 -23.80 -3.04
CA GLY B 62 20.71 -22.79 -2.76
C GLY B 62 20.36 -22.72 -1.29
N LEU B 63 19.20 -22.13 -1.01
CA LEU B 63 18.69 -22.02 0.34
C LEU B 63 17.54 -23.00 0.53
N LEU B 64 17.60 -23.78 1.59
CA LEU B 64 16.48 -24.61 2.03
C LEU B 64 15.83 -23.95 3.22
N ILE B 65 14.50 -23.97 3.27
CA ILE B 65 13.75 -23.45 4.40
C ILE B 65 13.02 -24.60 5.06
N THR B 66 13.25 -24.77 6.35
CA THR B 66 12.72 -25.91 7.09
C THR B 66 11.21 -25.80 7.24
N GLU B 67 10.56 -26.96 7.37
CA GLU B 67 9.13 -27.00 7.64
C GLU B 67 8.79 -26.21 8.89
N ALA B 68 7.66 -25.51 8.86
CA ALA B 68 7.23 -24.70 9.98
C ALA B 68 7.35 -25.47 11.29
N THR B 69 8.17 -24.96 12.21
CA THR B 69 8.60 -25.70 13.39
C THR B 69 8.13 -24.98 14.65
N PHE B 70 7.56 -25.74 15.57
CA PHE B 70 7.06 -25.18 16.83
C PHE B 70 8.22 -24.68 17.67
N GLY B 71 8.18 -23.39 18.05
CA GLY B 71 9.19 -22.86 18.95
C GLY B 71 9.08 -23.38 20.38
N ALA B 72 7.92 -23.90 20.75
CA ALA B 72 7.67 -24.36 22.11
C ALA B 72 6.38 -25.19 22.09
N PRO B 73 6.14 -25.97 23.15
CA PRO B 73 4.86 -26.73 23.21
C PRO B 73 3.63 -25.86 23.06
N GLN B 74 3.63 -24.66 23.66
CA GLN B 74 2.49 -23.76 23.52
C GLN B 74 2.34 -23.26 22.09
N PHE B 75 3.40 -23.32 21.28
CA PHE B 75 3.33 -22.89 19.90
C PHE B 75 2.60 -23.87 18.99
N GLY B 76 2.44 -25.11 19.43
CA GLY B 76 1.74 -26.13 18.65
C GLY B 76 0.25 -26.16 18.92
N LEU B 77 -0.37 -27.32 18.75
CA LEU B 77 0.30 -28.58 18.40
C LEU B 77 -0.39 -29.25 17.21
N TYR B 78 0.38 -29.98 16.41
CA TYR B 78 -0.16 -30.87 15.37
C TYR B 78 0.48 -32.23 15.51
N GLN B 79 -0.23 -33.26 15.04
CA GLN B 79 0.29 -34.62 15.11
C GLN B 79 1.58 -34.74 14.32
N ASN B 80 2.65 -35.18 15.00
CA ASN B 80 3.95 -35.43 14.39
C ASN B 80 4.55 -34.17 13.75
N GLY B 81 4.24 -33.00 14.31
CA GLY B 81 4.84 -31.77 13.88
C GLY B 81 6.25 -31.63 14.40
N PRO B 82 6.95 -30.59 13.92
CA PRO B 82 8.34 -30.38 14.36
C PRO B 82 8.45 -29.41 15.54
N MET B 83 9.54 -29.51 16.30
CA MET B 83 9.77 -28.63 17.44
C MET B 83 11.28 -28.49 17.66
N ILE B 84 11.69 -27.33 18.17
CA ILE B 84 13.09 -27.05 18.45
C ILE B 84 13.24 -26.70 19.92
N TYR B 85 12.43 -27.33 20.77
CA TYR B 85 12.35 -26.97 22.19
C TYR B 85 13.26 -27.82 23.07
N THR B 86 13.09 -29.15 23.04
CA THR B 86 13.86 -30.01 23.93
C THR B 86 15.28 -30.21 23.37
N ASP B 87 16.16 -30.73 24.24
CA ASP B 87 17.55 -30.95 23.83
C ASP B 87 17.64 -32.00 22.73
N ARG B 88 16.85 -33.06 22.81
CA ARG B 88 16.84 -34.06 21.76
C ARG B 88 16.42 -33.46 20.43
N GLN B 89 15.41 -32.58 20.44
CA GLN B 89 14.95 -31.93 19.22
C GLN B 89 16.05 -31.06 18.62
N VAL B 90 16.70 -30.25 19.46
CA VAL B 90 17.76 -29.38 18.97
C VAL B 90 18.93 -30.19 18.42
N GLU B 91 19.22 -31.34 19.04
CA GLU B 91 20.30 -32.17 18.54
C GLU B 91 19.96 -32.80 17.19
N ALA B 92 18.72 -33.28 17.05
CA ALA B 92 18.29 -33.83 15.77
C ALA B 92 18.37 -32.78 14.66
N TRP B 93 17.76 -31.61 14.89
CA TRP B 93 17.85 -30.54 13.91
C TRP B 93 19.31 -30.16 13.64
N LYS B 94 20.17 -30.25 14.65
CA LYS B 94 21.58 -29.98 14.43
C LYS B 94 22.20 -30.99 13.48
N LYS B 95 21.86 -32.26 13.63
CA LYS B 95 22.34 -33.27 12.68
C LYS B 95 21.88 -32.94 11.26
N ILE B 96 20.61 -32.53 11.11
CA ILE B 96 20.10 -32.19 9.78
C ILE B 96 20.88 -31.02 9.20
N VAL B 97 21.10 -29.96 9.99
CA VAL B 97 21.82 -28.79 9.52
C VAL B 97 23.24 -29.16 9.12
N GLU B 98 23.90 -29.99 9.93
CA GLU B 98 25.25 -30.43 9.59
C GLU B 98 25.28 -31.18 8.27
N GLU B 99 24.27 -32.01 8.01
CA GLU B 99 24.21 -32.70 6.73
C GLU B 99 23.99 -31.73 5.58
N VAL B 100 23.09 -30.76 5.75
CA VAL B 100 22.80 -29.79 4.69
C VAL B 100 24.05 -28.98 4.35
N HIS B 101 24.74 -28.48 5.37
CA HIS B 101 25.98 -27.74 5.14
C HIS B 101 27.04 -28.64 4.51
N LYS B 102 27.11 -29.90 4.95
CA LYS B 102 28.08 -30.83 4.38
C LYS B 102 27.83 -31.02 2.88
N LYS B 103 26.57 -31.07 2.47
CA LYS B 103 26.25 -31.22 1.05
C LYS B 103 26.39 -29.92 0.27
N GLY B 104 26.73 -28.82 0.92
CA GLY B 104 27.07 -27.59 0.22
C GLY B 104 25.95 -26.58 0.06
N SER B 105 24.77 -26.84 0.62
CA SER B 105 23.67 -25.90 0.57
C SER B 105 23.55 -25.17 1.91
N HIS B 106 22.51 -24.35 2.04
CA HIS B 106 22.26 -23.56 3.24
C HIS B 106 20.79 -23.69 3.62
N ILE B 107 20.49 -23.49 4.90
CA ILE B 107 19.19 -23.81 5.43
C ILE B 107 18.73 -22.74 6.42
N SER B 108 17.43 -22.43 6.38
CA SER B 108 16.77 -21.59 7.36
C SER B 108 15.66 -22.37 8.03
N MET B 109 15.40 -22.07 9.30
CA MET B 109 14.29 -22.68 10.03
C MET B 109 13.16 -21.67 10.18
N GLN B 110 11.97 -22.05 9.73
CA GLN B 110 10.77 -21.26 9.96
C GLN B 110 10.17 -21.65 11.30
N LEU B 111 9.83 -20.66 12.11
CA LEU B 111 9.29 -20.90 13.45
C LEU B 111 7.77 -20.75 13.42
N TRP B 112 7.08 -21.76 13.96
CA TRP B 112 5.63 -21.87 13.84
C TRP B 112 4.97 -21.58 15.18
N ASN B 113 3.84 -20.88 15.13
CA ASN B 113 2.97 -20.69 16.30
C ASN B 113 1.54 -20.74 15.80
N LEU B 114 0.81 -21.78 16.22
CA LEU B 114 -0.50 -22.05 15.63
C LEU B 114 -1.57 -21.09 16.11
N GLY B 115 -1.65 -20.85 17.42
CA GLY B 115 -2.71 -20.00 17.94
C GLY B 115 -4.05 -20.69 17.79
N ARG B 116 -5.04 -19.97 17.28
CA ARG B 116 -6.39 -20.51 17.15
C ARG B 116 -6.51 -21.55 16.03
N ALA B 117 -5.42 -21.83 15.32
CA ALA B 117 -5.41 -22.85 14.28
C ALA B 117 -4.92 -24.21 14.80
N ALA B 118 -4.60 -24.30 16.08
CA ALA B 118 -4.01 -25.51 16.62
C ALA B 118 -5.05 -26.61 16.79
N ASP B 119 -4.57 -27.81 17.10
CA ASP B 119 -5.41 -28.93 17.49
C ASP B 119 -5.73 -28.79 18.98
N PRO B 120 -6.95 -28.40 19.33
CA PRO B 120 -7.27 -28.22 20.75
C PRO B 120 -7.24 -29.52 21.53
N LYS B 121 -7.54 -30.64 20.89
CA LYS B 121 -7.46 -31.93 21.57
C LYS B 121 -6.02 -32.25 21.98
N LEU B 122 -5.08 -32.05 21.05
CA LEU B 122 -3.68 -32.35 21.33
C LEU B 122 -3.13 -31.43 22.42
N LEU B 123 -3.33 -30.12 22.25
CA LEU B 123 -2.95 -29.16 23.29
C LEU B 123 -3.53 -29.57 24.64
N LYS B 124 -4.81 -29.95 24.66
CA LYS B 124 -5.45 -30.42 25.89
C LYS B 124 -4.69 -31.60 26.48
N GLU B 125 -4.37 -32.59 25.64
CA GLU B 125 -3.64 -33.76 26.12
C GLU B 125 -2.24 -33.41 26.62
N HIS B 126 -1.69 -32.26 26.21
CA HIS B 126 -0.43 -31.79 26.75
C HIS B 126 -0.60 -30.74 27.84
N GLY B 127 -1.80 -30.62 28.41
CA GLY B 127 -2.04 -29.67 29.48
C GLY B 127 -1.84 -28.23 29.08
N LEU B 128 -2.11 -27.89 27.82
CA LEU B 128 -1.89 -26.53 27.33
C LEU B 128 -3.20 -25.91 26.87
N PRO B 129 -3.39 -24.61 27.12
CA PRO B 129 -4.61 -23.95 26.66
C PRO B 129 -4.62 -23.69 25.16
N PHE B 130 -5.73 -23.15 24.66
CA PHE B 130 -5.95 -22.90 23.24
C PHE B 130 -6.07 -21.38 23.08
N LEU B 131 -5.01 -20.75 22.59
CA LEU B 131 -4.85 -19.30 22.72
C LEU B 131 -4.99 -18.59 21.38
N ALA B 132 -5.41 -17.33 21.45
CA ALA B 132 -5.61 -16.48 20.28
C ALA B 132 -5.58 -15.03 20.74
N PRO B 133 -5.49 -14.08 19.80
CA PRO B 133 -5.64 -12.67 20.21
C PRO B 133 -7.00 -12.36 20.80
N SER B 134 -8.06 -12.94 20.24
CA SER B 134 -9.41 -12.77 20.76
C SER B 134 -10.12 -14.11 20.73
N ALA B 135 -11.18 -14.22 21.53
CA ALA B 135 -11.93 -15.48 21.67
C ALA B 135 -12.83 -15.67 20.46
N LEU B 136 -12.19 -15.94 19.32
CA LEU B 136 -12.89 -16.21 18.07
C LEU B 136 -12.29 -17.45 17.41
N TYR B 137 -13.16 -18.31 16.92
CA TYR B 137 -12.75 -19.46 16.13
C TYR B 137 -12.76 -19.10 14.65
N PHE B 138 -11.85 -19.71 13.88
CA PHE B 138 -11.82 -19.43 12.46
C PHE B 138 -12.87 -20.21 11.69
N SER B 139 -13.51 -21.19 12.31
CA SER B 139 -14.58 -21.95 11.67
C SER B 139 -15.43 -22.59 12.77
N GLU B 140 -16.69 -22.88 12.40
CA GLU B 140 -17.58 -23.58 13.33
C GLU B 140 -17.10 -25.00 13.59
N GLU B 141 -16.36 -25.59 12.64
CA GLU B 141 -15.75 -26.90 12.87
C GLU B 141 -14.69 -26.82 13.97
N SER B 142 -13.84 -25.81 13.91
CA SER B 142 -12.83 -25.62 14.95
C SER B 142 -13.46 -25.33 16.31
N LYS B 143 -14.45 -24.44 16.32
CA LYS B 143 -15.25 -24.22 17.53
C LYS B 143 -15.76 -25.53 18.10
N LYS B 144 -16.25 -26.39 17.21
CA LYS B 144 -16.83 -27.67 17.61
C LYS B 144 -15.76 -28.59 18.24
N ALA B 145 -14.63 -28.76 17.55
CA ALA B 145 -13.56 -29.61 18.09
C ALA B 145 -13.02 -29.06 19.41
N ALA B 146 -12.96 -27.73 19.54
CA ALA B 146 -12.46 -27.14 20.77
C ALA B 146 -13.42 -27.34 21.92
N GLU B 147 -14.73 -27.15 21.67
CA GLU B 147 -15.70 -27.30 22.74
C GLU B 147 -15.82 -28.74 23.21
N GLU B 148 -15.59 -29.73 22.33
CA GLU B 148 -15.70 -31.09 22.85
C GLU B 148 -14.44 -31.55 23.57
N ALA B 149 -13.27 -31.10 23.13
CA ALA B 149 -12.06 -31.42 23.89
C ALA B 149 -12.01 -30.68 25.23
N GLY B 150 -12.99 -29.85 25.53
CA GLY B 150 -12.96 -29.05 26.74
C GLY B 150 -11.81 -28.08 26.80
N ASN B 151 -11.31 -27.64 25.64
CA ASN B 151 -10.22 -26.68 25.54
C ASN B 151 -10.67 -25.58 24.59
N GLU B 152 -11.40 -24.60 25.12
CA GLU B 152 -12.00 -23.56 24.32
C GLU B 152 -11.03 -22.40 24.12
N VAL B 153 -11.27 -21.63 23.07
CA VAL B 153 -10.34 -20.56 22.69
C VAL B 153 -10.34 -19.49 23.77
N GLN B 154 -9.16 -18.91 24.02
CA GLN B 154 -8.96 -17.89 25.04
C GLN B 154 -8.20 -16.73 24.43
N ALA B 155 -8.64 -15.52 24.73
CA ALA B 155 -7.87 -14.34 24.40
C ALA B 155 -6.63 -14.29 25.29
N MET B 156 -5.47 -14.14 24.67
CA MET B 156 -4.21 -14.17 25.42
C MET B 156 -4.17 -13.07 26.47
N THR B 157 -3.68 -13.42 27.66
CA THR B 157 -3.34 -12.42 28.66
C THR B 157 -2.03 -11.74 28.28
N LEU B 158 -1.70 -10.68 29.01
CA LEU B 158 -0.44 -9.98 28.76
C LEU B 158 0.75 -10.89 29.08
N GLU B 159 0.63 -11.73 30.10
CA GLU B 159 1.74 -12.61 30.46
C GLU B 159 1.89 -13.75 29.47
N GLN B 160 0.80 -14.20 28.85
CA GLN B 160 0.93 -15.20 27.79
C GLN B 160 1.58 -14.60 26.54
N ILE B 161 1.36 -13.31 26.30
CA ILE B 161 2.06 -12.62 25.21
C ILE B 161 3.55 -12.51 25.52
N GLU B 162 3.87 -12.08 26.75
CA GLU B 162 5.27 -12.00 27.15
C GLU B 162 5.96 -13.35 27.05
N GLN B 163 5.29 -14.41 27.50
CA GLN B 163 5.86 -15.75 27.39
C GLN B 163 6.03 -16.15 25.94
N THR B 164 5.10 -15.73 25.07
CA THR B 164 5.24 -16.00 23.64
C THR B 164 6.52 -15.37 23.10
N LYS B 165 6.77 -14.10 23.44
CA LYS B 165 7.96 -13.43 22.94
C LYS B 165 9.23 -14.08 23.48
N LYS B 166 9.26 -14.41 24.77
CA LYS B 166 10.40 -15.11 25.33
C LYS B 166 10.63 -16.44 24.63
N ASP B 167 9.55 -17.16 24.30
CA ASP B 167 9.69 -18.43 23.61
C ASP B 167 10.25 -18.24 22.20
N TYR B 168 9.83 -17.17 21.51
CA TYR B 168 10.44 -16.86 20.22
C TYR B 168 11.94 -16.63 20.36
N VAL B 169 12.34 -15.89 21.38
CA VAL B 169 13.77 -15.66 21.61
C VAL B 169 14.49 -16.99 21.82
N ASN B 170 13.94 -17.85 22.69
CA ASN B 170 14.60 -19.11 23.02
C ASN B 170 14.72 -20.01 21.80
N ALA B 171 13.64 -20.13 21.02
CA ALA B 171 13.67 -20.96 19.82
C ALA B 171 14.66 -20.42 18.81
N ALA B 172 14.72 -19.09 18.65
CA ALA B 172 15.66 -18.50 17.71
C ALA B 172 17.10 -18.80 18.11
N LYS B 173 17.42 -18.62 19.40
CA LYS B 173 18.77 -18.93 19.87
C LYS B 173 19.10 -20.41 19.69
N ASN B 174 18.12 -21.28 19.96
CA ASN B 174 18.32 -22.72 19.76
C ASN B 174 18.68 -23.02 18.30
N ALA B 175 17.92 -22.45 17.37
CA ALA B 175 18.12 -22.78 15.97
C ALA B 175 19.42 -22.20 15.43
N ILE B 176 19.70 -20.93 15.72
CA ILE B 176 20.87 -20.27 15.16
C ILE B 176 22.15 -20.74 15.84
N GLN B 177 22.20 -20.63 17.17
CA GLN B 177 23.48 -20.78 17.87
C GLN B 177 23.81 -22.24 18.14
N LYS B 178 22.80 -23.07 18.43
CA LYS B 178 23.06 -24.48 18.73
C LYS B 178 23.01 -25.34 17.47
N ALA B 179 21.89 -25.32 16.76
CA ALA B 179 21.73 -26.14 15.57
C ALA B 179 22.51 -25.61 14.37
N GLY B 180 22.89 -24.34 14.39
CA GLY B 180 23.67 -23.79 13.31
C GLY B 180 22.89 -23.39 12.07
N PHE B 181 21.59 -23.16 12.19
CA PHE B 181 20.80 -22.67 11.06
C PHE B 181 21.36 -21.33 10.58
N ASP B 182 21.26 -21.10 9.26
CA ASP B 182 21.80 -19.87 8.70
C ASP B 182 20.93 -18.68 9.04
N MET B 183 19.60 -18.86 9.10
CA MET B 183 18.71 -17.83 9.58
C MET B 183 17.44 -18.50 10.11
N VAL B 184 16.65 -17.73 10.86
CA VAL B 184 15.38 -18.18 11.40
C VAL B 184 14.28 -17.28 10.83
N GLU B 185 13.24 -17.91 10.28
CA GLU B 185 12.15 -17.20 9.63
C GLU B 185 10.93 -17.22 10.54
N VAL B 186 10.39 -16.03 10.83
CA VAL B 186 9.20 -15.92 11.64
C VAL B 186 7.98 -16.08 10.74
N HIS B 187 7.20 -17.14 11.00
CA HIS B 187 5.97 -17.38 10.25
C HIS B 187 4.90 -16.42 10.76
N SER B 188 4.55 -15.44 9.93
CA SER B 188 3.53 -14.45 10.25
C SER B 188 2.48 -14.39 9.14
N ALA B 189 2.11 -15.55 8.62
CA ALA B 189 1.22 -15.65 7.48
C ALA B 189 0.19 -16.75 7.70
N HIS B 190 -0.76 -16.83 6.78
CA HIS B 190 -1.68 -17.96 6.65
C HIS B 190 -2.55 -18.17 7.89
N GLY B 191 -2.88 -17.08 8.59
CA GLY B 191 -3.86 -17.18 9.64
C GLY B 191 -3.41 -17.85 10.93
N TYR B 192 -2.11 -18.05 11.11
CA TYR B 192 -1.62 -18.55 12.38
C TYR B 192 -1.46 -17.37 13.33
N LEU B 193 -0.84 -17.60 14.50
CA LEU B 193 -0.99 -16.68 15.63
C LEU B 193 -0.68 -15.24 15.28
N LEU B 194 0.52 -14.98 14.74
CA LEU B 194 0.91 -13.61 14.45
C LEU B 194 0.02 -12.99 13.39
N ASP B 195 -0.34 -13.75 12.36
CA ASP B 195 -1.30 -13.26 11.38
C ASP B 195 -2.64 -12.98 12.04
N GLN B 196 -3.05 -13.82 12.99
CA GLN B 196 -4.28 -13.56 13.73
C GLN B 196 -4.21 -12.21 14.45
N PHE B 197 -3.06 -11.89 15.03
CA PHE B 197 -2.89 -10.56 15.61
C PHE B 197 -2.95 -9.47 14.55
N ILE B 198 -2.46 -9.76 13.34
CA ILE B 198 -2.44 -8.75 12.29
C ILE B 198 -3.84 -8.50 11.73
N GLN B 199 -4.66 -9.54 11.63
CA GLN B 199 -5.92 -9.47 10.90
C GLN B 199 -7.03 -8.85 11.74
N THR B 200 -7.81 -7.96 11.10
CA THR B 200 -8.99 -7.40 11.77
C THR B 200 -10.05 -8.46 12.02
N THR B 201 -10.11 -9.50 11.18
CA THR B 201 -11.12 -10.53 11.35
C THR B 201 -10.89 -11.35 12.63
N ALA B 202 -9.64 -11.46 13.06
CA ALA B 202 -9.30 -12.29 14.21
C ALA B 202 -8.88 -11.51 15.45
N ASN B 203 -8.43 -10.26 15.28
CA ASN B 203 -7.94 -9.44 16.39
C ASN B 203 -8.99 -8.37 16.69
N LYS B 204 -9.74 -8.56 17.77
CA LYS B 204 -10.69 -7.56 18.26
C LYS B 204 -10.21 -6.91 19.55
N ARG B 205 -8.92 -7.05 19.88
CA ARG B 205 -8.40 -6.50 21.12
C ARG B 205 -8.54 -4.98 21.14
N THR B 206 -8.84 -4.45 22.32
CA THR B 206 -8.93 -3.01 22.55
C THR B 206 -7.69 -2.48 23.25
N ASP B 207 -6.76 -3.35 23.59
CA ASP B 207 -5.57 -3.02 24.35
C ASP B 207 -4.43 -2.69 23.36
N LYS B 208 -3.19 -2.60 23.87
CA LYS B 208 -2.05 -2.18 23.04
C LYS B 208 -1.91 -3.03 21.78
N TYR B 209 -2.44 -4.24 21.77
CA TYR B 209 -2.22 -5.20 20.70
C TYR B 209 -3.39 -5.30 19.73
N GLY B 210 -4.28 -4.31 19.73
CA GLY B 210 -5.38 -4.33 18.78
C GLY B 210 -6.04 -2.97 18.64
N GLY B 211 -6.92 -2.90 17.65
CA GLY B 211 -7.71 -1.71 17.41
C GLY B 211 -7.06 -0.64 16.55
N SER B 212 -5.93 -0.95 15.92
CA SER B 212 -5.29 -0.01 15.01
C SER B 212 -4.26 -0.76 14.19
N ILE B 213 -3.80 -0.12 13.11
CA ILE B 213 -2.77 -0.71 12.27
C ILE B 213 -1.49 -0.95 13.09
N GLU B 214 -1.07 0.06 13.84
CA GLU B 214 0.15 -0.08 14.65
C GLU B 214 -0.04 -1.09 15.76
N ASN B 215 -1.25 -1.16 16.33
CA ASN B 215 -1.49 -2.07 17.45
C ASN B 215 -1.58 -3.51 17.00
N ARG B 216 -2.19 -3.76 15.84
CA ARG B 216 -2.30 -5.14 15.36
C ARG B 216 -0.95 -5.69 14.91
N ALA B 217 -0.08 -4.83 14.41
CA ALA B 217 1.27 -5.25 14.01
C ALA B 217 2.25 -5.27 15.17
N ARG B 218 1.81 -4.93 16.38
CA ARG B 218 2.75 -4.69 17.48
C ARG B 218 3.45 -5.98 17.89
N LEU B 219 2.70 -7.08 18.06
CA LEU B 219 3.32 -8.31 18.54
C LEU B 219 4.37 -8.83 17.56
N LEU B 220 4.06 -8.79 16.26
CA LEU B 220 5.04 -9.23 15.26
C LEU B 220 6.31 -8.41 15.35
N LEU B 221 6.19 -7.09 15.44
CA LEU B 221 7.37 -6.23 15.44
C LEU B 221 8.16 -6.37 16.73
N GLU B 222 7.48 -6.58 17.86
CA GLU B 222 8.17 -6.83 19.12
C GLU B 222 8.96 -8.12 19.06
N VAL B 223 8.32 -9.20 18.59
CA VAL B 223 9.01 -10.47 18.44
C VAL B 223 10.21 -10.32 17.51
N ILE B 224 10.01 -9.64 16.38
CA ILE B 224 11.10 -9.40 15.44
C ILE B 224 12.26 -8.70 16.14
N ASP B 225 11.97 -7.59 16.83
CA ASP B 225 13.03 -6.84 17.50
C ASP B 225 13.79 -7.71 18.52
N LEU B 226 13.06 -8.50 19.30
CA LEU B 226 13.72 -9.36 20.29
C LEU B 226 14.62 -10.39 19.62
N VAL B 227 14.14 -11.01 18.54
CA VAL B 227 14.96 -12.02 17.86
C VAL B 227 16.17 -11.36 17.20
N ILE B 228 16.00 -10.15 16.66
CA ILE B 228 17.12 -9.38 16.14
C ILE B 228 18.18 -9.21 17.23
N GLU B 229 17.75 -8.73 18.40
CA GLU B 229 18.68 -8.57 19.51
C GLU B 229 19.34 -9.89 19.90
N ALA B 230 18.62 -11.00 19.75
CA ALA B 230 19.17 -12.30 20.15
C ALA B 230 20.26 -12.77 19.20
N VAL B 231 19.92 -12.92 17.91
CA VAL B 231 20.79 -13.61 16.96
C VAL B 231 21.30 -12.70 15.85
N GLY B 232 20.90 -11.43 15.82
CA GLY B 232 21.39 -10.57 14.76
C GLY B 232 20.42 -10.49 13.59
N ALA B 233 20.42 -9.32 12.94
CA ALA B 233 19.41 -9.06 11.91
C ALA B 233 19.61 -9.94 10.69
N ASP B 234 20.84 -10.15 10.27
CA ASP B 234 21.07 -10.97 9.09
C ASP B 234 20.87 -12.47 9.33
N HIS B 235 20.39 -12.86 10.51
CA HIS B 235 19.98 -14.23 10.80
C HIS B 235 18.47 -14.36 10.98
N VAL B 236 17.70 -13.35 10.59
CA VAL B 236 16.27 -13.32 10.85
C VAL B 236 15.53 -13.00 9.57
N ALA B 237 14.36 -13.60 9.40
CA ALA B 237 13.48 -13.36 8.26
C ALA B 237 12.03 -13.40 8.77
N VAL B 238 11.09 -13.15 7.86
CA VAL B 238 9.67 -13.13 8.19
C VAL B 238 8.89 -13.48 6.93
N ARG B 239 7.73 -14.14 7.13
CA ARG B 239 6.84 -14.43 6.02
C ARG B 239 5.49 -13.76 6.25
N LEU B 240 4.91 -13.21 5.19
CA LEU B 240 3.65 -12.49 5.25
C LEU B 240 2.79 -12.89 4.06
N SER B 241 1.48 -12.97 4.28
CA SER B 241 0.51 -13.31 3.24
C SER B 241 -0.63 -12.31 3.27
N PRO B 242 -0.40 -11.09 2.75
CA PRO B 242 -1.44 -10.06 2.83
C PRO B 242 -2.74 -10.41 2.12
N TYR B 243 -2.68 -11.21 1.05
CA TYR B 243 -3.87 -11.54 0.28
C TYR B 243 -4.52 -12.85 0.69
N ALA B 244 -3.85 -13.67 1.51
CA ALA B 244 -4.37 -14.99 1.83
C ALA B 244 -5.61 -14.88 2.73
N THR B 245 -6.56 -15.79 2.52
CA THR B 245 -7.78 -15.86 3.31
C THR B 245 -7.90 -17.21 4.03
N PHE B 246 -6.76 -17.85 4.29
CA PHE B 246 -6.75 -19.15 4.95
C PHE B 246 -7.03 -18.99 6.43
N GLN B 247 -7.92 -19.85 6.95
CA GLN B 247 -8.26 -19.88 8.38
C GLN B 247 -8.80 -18.53 8.85
N GLY B 248 -9.72 -17.97 8.07
CA GLY B 248 -10.45 -16.79 8.47
C GLY B 248 -9.72 -15.48 8.30
N SER B 249 -8.52 -15.47 7.73
CA SER B 249 -7.83 -14.21 7.47
C SER B 249 -8.62 -13.37 6.47
N GLY B 250 -8.61 -12.06 6.66
CA GLY B 250 -9.53 -11.21 5.93
C GLY B 250 -9.18 -10.97 4.48
N GLY B 251 -7.89 -10.98 4.14
CA GLY B 251 -7.52 -10.65 2.78
C GLY B 251 -7.92 -9.23 2.43
N VAL B 252 -8.27 -9.04 1.16
CA VAL B 252 -8.70 -7.72 0.69
C VAL B 252 -10.06 -7.32 1.23
N ASP B 253 -10.81 -8.24 1.82
CA ASP B 253 -12.10 -7.95 2.41
C ASP B 253 -11.99 -7.50 3.86
N ALA B 254 -10.78 -7.32 4.38
CA ALA B 254 -10.62 -6.86 5.76
C ALA B 254 -11.17 -5.45 5.92
N GLU B 255 -11.59 -5.14 7.15
CA GLU B 255 -12.09 -3.79 7.44
C GLU B 255 -11.07 -2.72 7.07
N VAL B 256 -9.80 -2.99 7.32
CA VAL B 256 -8.70 -2.15 6.88
C VAL B 256 -7.93 -2.91 5.80
N HIS B 257 -7.73 -2.28 4.65
CA HIS B 257 -7.19 -2.98 3.50
C HIS B 257 -5.77 -3.48 3.81
N PRO B 258 -5.42 -4.70 3.38
CA PRO B 258 -4.09 -5.24 3.70
C PRO B 258 -2.93 -4.42 3.16
N ILE B 259 -3.16 -3.60 2.12
CA ILE B 259 -2.09 -2.73 1.65
C ILE B 259 -1.69 -1.73 2.72
N ALA B 260 -2.66 -1.25 3.49
CA ALA B 260 -2.37 -0.31 4.57
C ALA B 260 -1.68 -1.02 5.73
N GLN B 261 -2.22 -2.17 6.16
CA GLN B 261 -1.71 -2.86 7.34
C GLN B 261 -0.33 -3.45 7.06
N PHE B 262 -0.25 -4.38 6.10
CA PHE B 262 1.03 -4.95 5.74
C PHE B 262 1.95 -3.93 5.10
N GLY B 263 1.39 -2.87 4.50
CA GLY B 263 2.22 -1.75 4.09
C GLY B 263 2.93 -1.11 5.26
N TYR B 264 2.22 -0.93 6.38
CA TYR B 264 2.85 -0.42 7.59
C TYR B 264 3.91 -1.40 8.10
N ILE B 265 3.60 -2.69 8.09
CA ILE B 265 4.57 -3.68 8.57
C ILE B 265 5.86 -3.61 7.76
N LEU B 266 5.73 -3.63 6.42
CA LEU B 266 6.90 -3.56 5.56
C LEU B 266 7.64 -2.25 5.75
N SER B 267 6.91 -1.14 5.95
CA SER B 267 7.56 0.13 6.19
C SER B 267 8.38 0.10 7.48
N GLU B 268 7.87 -0.58 8.50
CA GLU B 268 8.59 -0.67 9.77
C GLU B 268 9.83 -1.54 9.63
N LEU B 269 9.73 -2.65 8.90
CA LEU B 269 10.90 -3.50 8.69
C LEU B 269 11.97 -2.77 7.89
N GLU B 270 11.57 -2.06 6.83
CA GLU B 270 12.50 -1.24 6.07
C GLU B 270 13.08 -0.13 6.94
N ARG B 271 12.31 0.36 7.91
CA ARG B 271 12.82 1.39 8.82
C ARG B 271 13.92 0.81 9.71
N ARG B 272 13.69 -0.39 10.26
CA ARG B 272 14.74 -1.08 10.99
C ARG B 272 15.95 -1.34 10.10
N ALA B 273 15.72 -1.51 8.80
CA ALA B 273 16.85 -1.66 7.87
C ALA B 273 17.60 -0.35 7.71
N LYS B 274 16.89 0.78 7.69
CA LYS B 274 17.55 2.08 7.58
C LYS B 274 18.42 2.36 8.79
N GLU B 275 18.12 1.76 9.93
CA GLU B 275 18.87 1.98 11.16
C GLU B 275 19.93 0.90 11.39
N GLY B 276 20.26 0.12 10.37
CA GLY B 276 21.32 -0.84 10.46
C GLY B 276 20.92 -2.25 10.86
N LYS B 277 19.63 -2.57 10.83
CA LYS B 277 19.14 -3.92 11.13
C LYS B 277 18.29 -4.36 9.95
N ARG B 278 18.98 -4.88 8.92
CA ARG B 278 18.34 -5.29 7.68
C ARG B 278 18.10 -6.80 7.72
N LEU B 279 16.83 -7.19 7.67
CA LEU B 279 16.48 -8.61 7.71
C LEU B 279 17.17 -9.36 6.58
N ALA B 280 17.41 -10.66 6.83
CA ALA B 280 18.03 -11.49 5.81
C ALA B 280 17.20 -11.50 4.54
N TYR B 281 15.88 -11.67 4.67
CA TYR B 281 14.97 -11.62 3.55
C TYR B 281 13.54 -11.52 4.07
N VAL B 282 12.64 -11.07 3.21
CA VAL B 282 11.21 -11.03 3.49
C VAL B 282 10.53 -11.98 2.52
N SER B 283 9.81 -12.96 3.07
CA SER B 283 9.13 -13.97 2.26
C SER B 283 7.68 -13.56 2.03
N ILE B 284 7.26 -13.57 0.76
CA ILE B 284 5.92 -13.14 0.38
C ILE B 284 5.27 -14.19 -0.52
N VAL B 285 3.94 -14.24 -0.46
CA VAL B 285 3.14 -15.30 -1.07
C VAL B 285 2.29 -14.68 -2.18
N GLU B 286 2.62 -15.03 -3.42
CA GLU B 286 1.77 -14.93 -4.62
C GLU B 286 2.64 -15.05 -5.87
N SER B 299 -7.25 -8.06 -9.07
CA SER B 299 -6.21 -7.07 -9.28
C SER B 299 -5.11 -7.20 -8.23
N GLU B 300 -5.07 -8.35 -7.57
CA GLU B 300 -4.06 -8.59 -6.54
C GLU B 300 -2.66 -8.60 -7.16
N ASP B 301 -1.72 -7.91 -6.52
CA ASP B 301 -0.37 -7.77 -7.05
C ASP B 301 0.54 -7.32 -5.91
N ASN B 302 1.71 -7.95 -5.80
CA ASN B 302 2.66 -7.68 -4.73
C ASN B 302 3.69 -6.62 -5.09
N SER B 303 3.44 -5.81 -6.12
CA SER B 303 4.45 -4.83 -6.54
C SER B 303 4.68 -3.76 -5.49
N TRP B 304 3.60 -3.35 -4.79
CA TRP B 304 3.76 -2.36 -3.73
C TRP B 304 4.67 -2.86 -2.63
N MET B 305 4.59 -4.15 -2.31
CA MET B 305 5.49 -4.74 -1.33
C MET B 305 6.95 -4.51 -1.71
N LEU B 306 7.27 -4.67 -2.99
CA LEU B 306 8.63 -4.40 -3.44
C LEU B 306 8.92 -2.91 -3.51
N GLN B 307 7.89 -2.07 -3.64
CA GLN B 307 8.11 -0.64 -3.53
C GLN B 307 8.58 -0.27 -2.12
N ILE B 308 8.05 -0.97 -1.10
CA ILE B 308 8.36 -0.61 0.28
C ILE B 308 9.65 -1.29 0.74
N TRP B 309 9.69 -2.62 0.68
CA TRP B 309 10.86 -3.36 1.14
C TRP B 309 11.93 -3.37 0.07
N LYS B 310 13.14 -2.93 0.42
CA LYS B 310 14.24 -2.79 -0.53
C LYS B 310 15.27 -3.90 -0.44
N GLY B 311 15.15 -4.81 0.53
CA GLY B 311 16.12 -5.86 0.73
C GLY B 311 15.81 -7.11 -0.08
N VAL B 312 16.43 -8.22 0.32
CA VAL B 312 16.17 -9.49 -0.32
C VAL B 312 14.72 -9.89 -0.10
N VAL B 313 14.04 -10.28 -1.16
CA VAL B 313 12.65 -10.70 -1.09
C VAL B 313 12.52 -12.07 -1.74
N LEU B 314 11.89 -13.00 -1.04
CA LEU B 314 11.63 -14.35 -1.55
C LEU B 314 10.16 -14.42 -1.94
N ARG B 315 9.90 -14.53 -3.25
CA ARG B 315 8.54 -14.61 -3.76
C ARG B 315 8.20 -16.06 -4.04
N SER B 316 7.04 -16.52 -3.55
CA SER B 316 6.66 -17.91 -3.76
C SER B 316 5.21 -18.01 -4.19
N GLY B 317 4.91 -19.10 -4.91
CA GLY B 317 3.54 -19.43 -5.30
C GLY B 317 3.29 -19.51 -6.79
N GLY B 318 3.00 -20.72 -7.28
CA GLY B 318 2.51 -20.91 -8.63
C GLY B 318 3.50 -20.62 -9.75
N TYR B 319 4.80 -20.56 -9.46
CA TYR B 319 5.77 -20.15 -10.46
C TYR B 319 6.08 -21.21 -11.49
N LEU B 320 5.52 -22.43 -11.38
CA LEU B 320 5.76 -23.51 -12.34
C LEU B 320 4.41 -24.06 -12.81
N SER B 321 3.83 -23.37 -13.80
CA SER B 321 2.58 -23.81 -14.41
C SER B 321 2.58 -23.61 -15.92
N GLU B 322 3.70 -23.16 -16.51
CA GLU B 322 3.79 -22.77 -17.91
C GLU B 322 2.91 -21.54 -18.17
N LYS B 323 2.21 -21.09 -17.14
CA LYS B 323 1.72 -19.73 -17.01
C LYS B 323 2.53 -18.94 -15.99
N GLY B 324 3.36 -19.62 -15.20
CA GLY B 324 4.20 -18.97 -14.21
C GLY B 324 5.67 -18.95 -14.58
N ILE B 325 6.08 -19.80 -15.53
CA ILE B 325 7.46 -19.79 -16.01
C ILE B 325 7.84 -18.38 -16.46
N ALA B 326 6.96 -17.74 -17.23
CA ALA B 326 7.19 -16.37 -17.67
C ALA B 326 7.22 -15.41 -16.49
N HIS B 327 6.31 -15.58 -15.53
CA HIS B 327 6.35 -14.75 -14.33
C HIS B 327 7.56 -15.06 -13.47
N LEU B 328 8.08 -16.29 -13.54
CA LEU B 328 9.31 -16.63 -12.85
C LEU B 328 10.48 -15.84 -13.44
N ILE B 329 10.69 -15.97 -14.75
CA ILE B 329 11.79 -15.26 -15.40
C ILE B 329 11.65 -13.75 -15.21
N LYS B 330 10.42 -13.25 -15.35
CA LYS B 330 10.18 -11.82 -15.22
C LYS B 330 10.50 -11.32 -13.81
N ASP B 331 9.96 -12.00 -12.80
CA ASP B 331 10.15 -11.53 -11.43
C ASP B 331 11.59 -11.74 -10.95
N VAL B 332 12.27 -12.78 -11.42
CA VAL B 332 13.63 -13.01 -10.98
C VAL B 332 14.64 -12.16 -11.74
N ASN B 333 14.30 -11.71 -12.95
CA ASN B 333 15.17 -10.81 -13.71
C ASN B 333 14.81 -9.35 -13.54
N ALA B 334 13.72 -9.03 -12.86
CA ALA B 334 13.29 -7.65 -12.71
C ALA B 334 14.30 -6.82 -11.90
N ASP B 335 15.00 -7.46 -10.96
CA ASP B 335 16.01 -6.79 -10.16
C ASP B 335 17.06 -7.83 -9.77
N ASP B 336 17.92 -7.46 -8.81
CA ASP B 336 19.01 -8.33 -8.37
C ASP B 336 18.88 -8.69 -6.89
N ARG B 337 17.65 -8.68 -6.36
CA ARG B 337 17.44 -9.03 -4.96
C ARG B 337 16.26 -9.98 -4.78
N THR B 338 15.87 -10.72 -5.82
CA THR B 338 14.67 -11.54 -5.79
C THR B 338 15.05 -13.02 -5.79
N LEU B 339 14.56 -13.74 -4.77
CA LEU B 339 14.63 -15.20 -4.71
C LEU B 339 13.28 -15.78 -5.10
N ILE B 340 13.31 -16.97 -5.68
CA ILE B 340 12.11 -17.64 -6.17
C ILE B 340 11.93 -18.94 -5.40
N GLY B 341 10.78 -19.09 -4.75
CA GLY B 341 10.47 -20.27 -3.97
C GLY B 341 9.55 -21.20 -4.74
N CYS B 342 9.89 -22.50 -4.72
CA CYS B 342 9.10 -23.54 -5.35
C CYS B 342 8.93 -24.69 -4.36
N SER B 343 7.71 -24.86 -3.86
CA SER B 343 7.45 -25.82 -2.78
C SER B 343 6.92 -27.15 -3.28
N ARG B 344 5.78 -27.12 -3.99
CA ARG B 344 5.08 -28.37 -4.30
C ARG B 344 5.89 -29.26 -5.22
N TYR B 345 6.58 -28.67 -6.21
CA TYR B 345 7.41 -29.48 -7.09
C TYR B 345 8.71 -29.91 -6.43
N PHE B 346 9.17 -29.19 -5.40
CA PHE B 346 10.34 -29.63 -4.66
C PHE B 346 10.05 -30.87 -3.83
N THR B 347 8.79 -31.12 -3.47
CA THR B 347 8.43 -32.34 -2.78
C THR B 347 8.60 -33.56 -3.69
N SER B 348 8.43 -33.38 -5.00
CA SER B 348 8.54 -34.47 -5.96
C SER B 348 9.93 -34.61 -6.54
N ASN B 349 10.60 -33.49 -6.79
CA ASN B 349 11.90 -33.47 -7.47
C ASN B 349 12.98 -33.09 -6.47
N PRO B 350 13.61 -34.06 -5.81
CA PRO B 350 14.72 -33.73 -4.89
C PRO B 350 15.89 -33.08 -5.60
N ASP B 351 16.02 -33.27 -6.91
CA ASP B 351 17.02 -32.58 -7.73
C ASP B 351 16.39 -31.48 -8.57
N LEU B 352 15.38 -30.79 -8.03
CA LEU B 352 14.74 -29.69 -8.74
C LEU B 352 15.72 -28.61 -9.22
N PRO B 353 16.76 -28.23 -8.47
CA PRO B 353 17.73 -27.27 -9.02
C PRO B 353 18.32 -27.67 -10.36
N ASN B 354 18.78 -28.92 -10.48
CA ASN B 354 19.34 -29.37 -11.76
C ASN B 354 18.28 -29.39 -12.85
N ARG B 355 17.07 -29.85 -12.52
CA ARG B 355 16.01 -29.96 -13.52
C ARG B 355 15.64 -28.59 -14.08
N LEU B 356 15.44 -27.61 -13.20
CA LEU B 356 15.16 -26.26 -13.67
C LEU B 356 16.36 -25.66 -14.38
N ARG B 357 17.57 -25.99 -13.93
CA ARG B 357 18.78 -25.45 -14.56
C ARG B 357 18.96 -25.98 -15.98
N ASP B 358 18.45 -27.17 -16.28
CA ASP B 358 18.67 -27.79 -17.58
C ASP B 358 17.36 -28.07 -18.33
N GLY B 359 16.24 -27.51 -17.87
CA GLY B 359 14.97 -27.72 -18.56
C GLY B 359 14.52 -29.15 -18.59
N LEU B 360 14.92 -29.95 -17.61
CA LEU B 360 14.51 -31.34 -17.57
C LEU B 360 13.08 -31.45 -17.05
N PRO B 361 12.28 -32.36 -17.60
CA PRO B 361 10.89 -32.49 -17.13
C PRO B 361 10.82 -32.81 -15.65
N LEU B 362 9.79 -32.26 -15.01
CA LEU B 362 9.60 -32.39 -13.56
C LEU B 362 8.66 -33.54 -13.26
N THR B 363 8.93 -34.25 -12.17
CA THR B 363 8.02 -35.28 -11.70
C THR B 363 6.79 -34.61 -11.09
N PRO B 364 5.58 -35.01 -11.48
CA PRO B 364 4.38 -34.38 -10.91
C PRO B 364 4.29 -34.62 -9.41
N TYR B 365 3.63 -33.69 -8.72
CA TYR B 365 3.50 -33.82 -7.27
C TYR B 365 2.20 -34.52 -6.89
N ASP B 366 2.24 -35.19 -5.75
CA ASP B 366 1.15 -36.03 -5.26
C ASP B 366 0.66 -35.43 -3.95
N ARG B 367 -0.41 -34.63 -4.02
CA ARG B 367 -0.94 -33.98 -2.83
C ARG B 367 -1.46 -35.00 -1.82
N SER B 368 -1.92 -36.16 -2.29
CA SER B 368 -2.51 -37.15 -1.41
C SER B 368 -1.51 -37.71 -0.39
N ARG B 369 -0.21 -37.47 -0.58
CA ARG B 369 0.80 -37.88 0.38
C ARG B 369 1.60 -36.70 0.92
N PHE B 370 1.08 -35.48 0.77
CA PHE B 370 1.70 -34.31 1.39
C PHE B 370 1.74 -34.46 2.90
N TYR B 371 0.62 -34.86 3.50
CA TYR B 371 0.47 -34.90 4.95
C TYR B 371 0.26 -36.32 5.47
N LYS B 372 0.75 -37.33 4.75
CA LYS B 372 0.63 -38.70 5.24
C LYS B 372 1.55 -38.88 6.44
N ILE B 373 0.94 -39.10 7.61
CA ILE B 373 1.67 -39.01 8.88
C ILE B 373 2.70 -40.12 8.99
N PHE B 374 3.93 -39.74 9.32
CA PHE B 374 4.95 -40.67 9.81
C PHE B 374 5.26 -41.78 8.80
N SER B 375 5.35 -41.40 7.54
CA SER B 375 5.49 -42.37 6.46
C SER B 375 6.48 -41.87 5.41
N ASN B 376 7.34 -42.77 4.94
CA ASN B 376 8.23 -42.46 3.82
C ASN B 376 7.53 -42.55 2.47
N ASP B 377 6.33 -43.11 2.42
CA ASP B 377 5.62 -43.25 1.16
C ASP B 377 5.20 -41.88 0.65
N GLY B 378 5.58 -41.56 -0.59
CA GLY B 378 5.38 -40.23 -1.11
C GLY B 378 6.25 -39.17 -0.46
N TYR B 379 7.22 -39.58 0.36
CA TYR B 379 8.15 -38.68 1.02
C TYR B 379 9.59 -38.94 0.61
N LEU B 380 10.04 -40.20 0.63
CA LEU B 380 11.37 -40.57 0.19
C LEU B 380 11.34 -41.47 -1.04
N THR B 381 10.17 -41.82 -1.56
CA THR B 381 10.05 -42.69 -2.71
C THR B 381 10.34 -41.98 -4.02
N TRP B 382 10.60 -40.68 -4.00
CA TRP B 382 10.87 -39.94 -5.23
C TRP B 382 12.28 -40.22 -5.72
N GLY B 383 12.40 -40.43 -7.03
CA GLY B 383 13.68 -40.62 -7.67
C GLY B 383 14.16 -39.36 -8.35
N LYS B 384 15.48 -39.22 -8.45
CA LYS B 384 16.04 -38.13 -9.25
C LYS B 384 15.80 -38.41 -10.73
N TYR B 385 16.06 -37.40 -11.54
CA TYR B 385 15.75 -37.48 -12.96
C TYR B 385 16.39 -38.70 -13.60
N GLY B 386 15.61 -39.41 -14.41
CA GLY B 386 16.05 -40.63 -15.03
C GLY B 386 15.84 -41.89 -14.20
N GLU B 387 15.24 -41.77 -13.02
CA GLU B 387 14.97 -42.90 -12.15
C GLU B 387 13.48 -43.01 -11.89
N PRO B 388 13.00 -44.21 -11.56
CA PRO B 388 11.56 -44.37 -11.31
C PRO B 388 11.17 -44.08 -9.87
N GLU B 389 9.91 -43.70 -9.71
CA GLU B 389 9.35 -43.52 -8.38
C GLU B 389 9.24 -44.88 -7.69
N GLN B 390 9.90 -45.02 -6.55
CA GLN B 390 9.85 -46.29 -5.83
C GLN B 390 8.42 -46.58 -5.38
N PRO B 391 7.96 -47.83 -5.53
CA PRO B 391 6.58 -48.15 -5.17
C PRO B 391 6.38 -48.15 -3.66
N SER B 392 5.10 -48.16 -3.26
CA SER B 392 4.74 -48.04 -1.85
C SER B 392 5.10 -49.27 -1.03
N ASP B 393 5.41 -50.40 -1.66
CA ASP B 393 5.86 -51.58 -0.96
C ASP B 393 7.37 -51.74 -0.99
N SER B 394 8.10 -50.73 -1.46
CA SER B 394 9.55 -50.79 -1.46
C SER B 394 10.09 -50.79 -0.03
N ALA B 395 11.38 -51.12 0.09
CA ALA B 395 12.01 -51.14 1.40
C ALA B 395 11.92 -49.78 2.08
N ILE B 396 12.23 -48.70 1.34
CA ILE B 396 12.22 -47.37 1.92
C ILE B 396 10.81 -46.96 2.31
N ALA B 397 9.81 -47.38 1.53
CA ALA B 397 8.44 -46.93 1.78
C ALA B 397 7.83 -47.61 3.00
N LEU B 398 8.29 -48.82 3.33
CA LEU B 398 7.76 -49.55 4.47
C LEU B 398 8.49 -49.25 5.77
N LYS B 399 9.63 -48.57 5.71
CA LYS B 399 10.40 -48.30 6.93
C LYS B 399 9.66 -47.35 7.84
N THR B 400 9.74 -47.61 9.15
CA THR B 400 9.25 -46.69 10.15
C THR B 400 10.35 -45.69 10.51
N PRO B 401 10.12 -44.40 10.35
CA PRO B 401 11.19 -43.42 10.64
C PRO B 401 11.59 -43.45 12.10
N GLN B 402 12.88 -43.24 12.34
CA GLN B 402 13.45 -43.25 13.68
C GLN B 402 13.96 -41.87 14.06
N PRO B 403 13.91 -41.51 15.34
CA PRO B 403 14.37 -40.19 15.75
C PRO B 403 15.88 -40.06 15.61
N LEU B 404 16.33 -38.85 15.22
CA LEU B 404 17.75 -38.59 15.10
C LEU B 404 18.42 -38.40 16.44
N ALA B 405 17.64 -38.24 17.51
CA ALA B 405 18.09 -37.95 18.88
C ALA B 405 19.53 -38.32 19.21
#